data_3U65
#
_entry.id   3U65
#
_cell.length_a   37.693
_cell.length_b   148.038
_cell.length_c   59.138
_cell.angle_alpha   90.000
_cell.angle_beta   97.110
_cell.angle_gamma   90.000
#
_symmetry.space_group_name_H-M   'P 1 21 1'
#
loop_
_entity.id
_entity.type
_entity.pdbx_description
1 polymer 'Tp33 protein'
2 non-polymer 1,2-ETHANEDIOL
3 non-polymer 'THIOCYANATE ION'
4 water water
#
_entity_poly.entity_id   1
_entity_poly.type   'polypeptide(L)'
_entity_poly.pdbx_seq_one_letter_code
;CFGLYAKEKVVLKIASIAPARSIWETELKKLSAEWSEITGGLVSMKFYDMSSLGGEREGIRKLKSSRPGQAAPLDGAVFS
CLGLSELAPDSGIYTLSVPFLIQNEKDLERVLHELREDLDRPFRAAGFRVITWTNAGWLSFYTRAPYASLGQLKKQTIAL
SSLDSSVLGTCFRICGFDIKDAPNARLAPLLKAGSIDGFLSVHLFTWATGFYRYISYALDTKICPAVIGMLISDGSWARI
PSRYHDAMLQAATRVRQRLANNLETLDRECSNNIQKAGVSIVHLTPQEIQEWRTEFAADVKRIQARLPGMLNMTLYEKIK
HLLYSAQR
;
_entity_poly.pdbx_strand_id   B,A
#
# COMPACT_ATOMS: atom_id res chain seq x y z
N LYS A 9 -45.92 14.73 -13.38
CA LYS A 9 -44.58 14.30 -13.01
C LYS A 9 -43.52 14.67 -14.05
N VAL A 10 -42.28 14.79 -13.57
CA VAL A 10 -41.12 15.03 -14.40
C VAL A 10 -40.22 13.81 -14.29
N VAL A 11 -40.30 12.91 -15.27
CA VAL A 11 -39.43 11.76 -15.35
C VAL A 11 -38.34 12.10 -16.34
N LEU A 12 -37.14 12.22 -15.82
CA LEU A 12 -35.96 12.49 -16.63
C LEU A 12 -35.37 11.19 -17.15
N LYS A 13 -35.28 11.09 -18.47
CA LYS A 13 -34.74 9.90 -19.13
C LYS A 13 -33.24 10.11 -19.29
N ILE A 14 -32.46 9.24 -18.68
CA ILE A 14 -31.01 9.39 -18.59
C ILE A 14 -30.33 8.15 -19.16
N ALA A 15 -29.59 8.31 -20.26
CA ALA A 15 -28.76 7.23 -20.78
C ALA A 15 -27.60 7.03 -19.86
N SER A 16 -27.19 5.79 -19.65
CA SER A 16 -26.12 5.55 -18.70
C SER A 16 -25.20 4.42 -19.10
N ILE A 17 -23.90 4.68 -18.97
CA ILE A 17 -22.87 3.65 -19.18
C ILE A 17 -22.66 2.77 -17.95
N ALA A 18 -23.35 3.03 -16.85
CA ALA A 18 -23.17 2.22 -15.66
C ALA A 18 -23.75 0.83 -15.88
N PRO A 19 -22.96 -0.22 -15.66
CA PRO A 19 -23.51 -1.56 -15.82
C PRO A 19 -24.59 -1.86 -14.79
N ALA A 20 -25.54 -2.69 -15.19
CA ALA A 20 -26.58 -3.15 -14.29
C ALA A 20 -25.99 -3.67 -12.98
N ARG A 21 -26.56 -3.20 -11.88
CA ARG A 21 -26.24 -3.67 -10.52
C ARG A 21 -24.88 -3.20 -10.02
N SER A 22 -24.22 -2.35 -10.79
CA SER A 22 -22.92 -1.84 -10.40
C SER A 22 -23.05 -0.76 -9.33
N ILE A 23 -21.93 -0.44 -8.67
CA ILE A 23 -22.00 0.59 -7.65
C ILE A 23 -22.50 1.91 -8.24
N TRP A 24 -22.06 2.25 -9.45
CA TRP A 24 -22.50 3.49 -10.06
C TRP A 24 -24.00 3.47 -10.26
N GLU A 25 -24.55 2.39 -10.77
CA GLU A 25 -25.98 2.36 -10.99
C GLU A 25 -26.73 2.45 -9.68
N THR A 26 -26.28 1.71 -8.66
CA THR A 26 -26.92 1.73 -7.36
C THR A 26 -26.99 3.17 -6.81
N GLU A 27 -25.90 3.90 -6.91
CA GLU A 27 -25.89 5.26 -6.38
C GLU A 27 -26.75 6.20 -7.21
N LEU A 28 -26.77 6.03 -8.52
CA LEU A 28 -27.61 6.88 -9.34
C LEU A 28 -29.09 6.60 -9.07
N LYS A 29 -29.45 5.37 -8.77
CA LYS A 29 -30.83 5.09 -8.38
C LYS A 29 -31.16 5.72 -7.03
N LYS A 30 -30.20 5.71 -6.11
CA LYS A 30 -30.40 6.41 -4.86
C LYS A 30 -30.59 7.91 -5.12
N LEU A 31 -29.86 8.47 -6.07
CA LEU A 31 -29.96 9.88 -6.36
C LEU A 31 -31.36 10.17 -6.88
N SER A 32 -31.87 9.32 -7.76
CA SER A 32 -33.23 9.48 -8.23
C SER A 32 -34.24 9.49 -7.09
N ALA A 33 -34.12 8.53 -6.18
CA ALA A 33 -35.04 8.43 -5.08
C ALA A 33 -34.94 9.67 -4.19
N GLU A 34 -33.73 10.15 -3.98
CA GLU A 34 -33.57 11.35 -3.17
C GLU A 34 -34.14 12.59 -3.86
N TRP A 35 -33.98 12.67 -5.17
CA TRP A 35 -34.59 13.76 -5.92
C TRP A 35 -36.11 13.71 -5.79
N SER A 36 -36.68 12.52 -5.81
N SER A 36 -36.68 12.50 -5.83
CA SER A 36 -38.12 12.39 -5.57
CA SER A 36 -38.13 12.34 -5.64
C SER A 36 -38.47 12.94 -4.19
C SER A 36 -38.59 12.86 -4.28
N GLU A 37 -37.72 12.54 -3.16
N GLU A 37 -37.79 12.65 -3.24
CA GLU A 37 -37.94 13.09 -1.80
CA GLU A 37 -38.14 13.13 -1.91
C GLU A 37 -37.91 14.62 -1.81
C GLU A 37 -37.90 14.65 -1.76
N ILE A 38 -36.81 15.17 -2.31
CA ILE A 38 -36.59 16.61 -2.31
C ILE A 38 -37.74 17.37 -2.99
N THR A 39 -38.26 16.81 -4.07
CA THR A 39 -39.28 17.46 -4.89
C THR A 39 -40.69 17.00 -4.59
N GLY A 40 -40.91 16.32 -3.48
CA GLY A 40 -42.27 15.98 -3.09
C GLY A 40 -42.94 15.01 -4.05
N GLY A 41 -42.14 14.21 -4.71
CA GLY A 41 -42.62 13.20 -5.64
C GLY A 41 -42.69 13.65 -7.09
N LEU A 42 -42.28 14.88 -7.36
CA LEU A 42 -42.39 15.43 -8.71
C LEU A 42 -41.38 14.80 -9.67
N VAL A 43 -40.11 14.76 -9.28
CA VAL A 43 -39.04 14.42 -10.17
C VAL A 43 -38.40 13.08 -9.86
N SER A 44 -38.10 12.31 -10.91
CA SER A 44 -37.33 11.07 -10.80
C SER A 44 -36.54 10.90 -12.07
N MET A 45 -35.65 9.92 -12.07
CA MET A 45 -34.90 9.54 -13.27
C MET A 45 -35.22 8.12 -13.62
N LYS A 46 -35.31 7.89 -14.92
CA LYS A 46 -35.36 6.54 -15.48
C LYS A 46 -34.09 6.35 -16.31
N PHE A 47 -33.37 5.26 -16.05
CA PHE A 47 -32.10 5.04 -16.72
C PHE A 47 -32.21 4.07 -17.87
N TYR A 48 -31.44 4.34 -18.92
CA TYR A 48 -31.42 3.53 -20.13
C TYR A 48 -29.99 3.11 -20.45
N ASP A 49 -29.75 1.82 -20.61
CA ASP A 49 -28.42 1.36 -20.89
C ASP A 49 -27.86 1.97 -22.17
N MET A 50 -26.68 2.58 -22.04
CA MET A 50 -26.10 3.31 -23.18
C MET A 50 -25.82 2.41 -24.39
N SER A 51 -25.15 1.29 -24.15
N SER A 51 -25.15 1.29 -24.16
N SER A 51 -25.15 1.29 -24.16
CA SER A 51 -24.81 0.39 -25.24
CA SER A 51 -24.80 0.39 -25.26
CA SER A 51 -24.81 0.40 -25.25
C SER A 51 -26.07 -0.07 -25.95
C SER A 51 -26.06 -0.11 -25.96
C SER A 51 -26.06 -0.10 -25.95
N SER A 52 -27.10 -0.41 -25.17
CA SER A 52 -28.35 -0.91 -25.72
C SER A 52 -29.04 0.10 -26.64
N LEU A 53 -28.88 1.40 -26.37
CA LEU A 53 -29.49 2.37 -27.28
C LEU A 53 -28.56 2.79 -28.42
N GLY A 54 -27.36 2.22 -28.47
CA GLY A 54 -26.49 2.42 -29.61
C GLY A 54 -25.12 2.98 -29.32
N GLY A 55 -24.83 3.27 -28.06
CA GLY A 55 -23.53 3.78 -27.65
C GLY A 55 -23.54 5.25 -27.34
N GLU A 56 -22.40 5.77 -26.92
CA GLU A 56 -22.33 7.13 -26.43
C GLU A 56 -22.57 8.16 -27.55
N ARG A 57 -22.10 7.90 -28.75
CA ARG A 57 -22.31 8.87 -29.84
C ARG A 57 -23.79 8.96 -30.17
N GLU A 58 -24.48 7.82 -30.14
CA GLU A 58 -25.94 7.80 -30.30
C GLU A 58 -26.63 8.50 -29.13
N GLY A 59 -26.14 8.29 -27.93
CA GLY A 59 -26.67 9.01 -26.78
C GLY A 59 -26.61 10.51 -26.99
N ILE A 60 -25.50 11.02 -27.51
CA ILE A 60 -25.37 12.44 -27.80
C ILE A 60 -26.48 12.90 -28.76
N ARG A 61 -26.67 12.16 -29.84
CA ARG A 61 -27.72 12.49 -30.82
C ARG A 61 -29.11 12.49 -30.19
N LYS A 62 -29.37 11.57 -29.26
CA LYS A 62 -30.68 11.46 -28.64
C LYS A 62 -30.94 12.54 -27.62
N LEU A 63 -29.94 13.37 -27.30
CA LEU A 63 -30.16 14.53 -26.43
C LEU A 63 -30.77 15.72 -27.16
N LYS A 64 -30.90 15.62 -28.47
CA LYS A 64 -31.49 16.70 -29.25
C LYS A 64 -32.73 16.18 -29.96
N SER A 65 -33.74 17.03 -30.11
CA SER A 65 -34.97 16.60 -30.75
C SER A 65 -34.85 16.62 -32.27
N SER A 66 -35.69 15.84 -32.93
CA SER A 66 -35.70 15.75 -34.39
C SER A 66 -36.42 16.94 -35.03
N ARG A 67 -37.36 17.53 -34.31
CA ARG A 67 -38.12 18.67 -34.82
C ARG A 67 -38.35 19.70 -33.72
N PRO A 68 -38.29 20.99 -34.07
CA PRO A 68 -38.53 22.00 -33.04
C PRO A 68 -39.88 21.81 -32.37
N GLY A 69 -39.93 22.08 -31.07
CA GLY A 69 -41.17 21.98 -30.32
C GLY A 69 -41.43 20.57 -29.79
N GLN A 70 -40.62 19.61 -30.24
CA GLN A 70 -40.72 18.23 -29.76
C GLN A 70 -39.63 17.91 -28.76
N ALA A 71 -39.99 17.17 -27.72
CA ALA A 71 -39.05 16.76 -26.70
C ALA A 71 -37.98 15.80 -27.26
N ALA A 72 -36.75 16.00 -26.83
CA ALA A 72 -35.67 15.06 -27.15
C ALA A 72 -35.97 13.70 -26.52
N PRO A 73 -35.50 12.64 -27.17
CA PRO A 73 -35.70 11.30 -26.59
C PRO A 73 -35.09 11.15 -25.20
N LEU A 74 -33.95 11.80 -24.97
CA LEU A 74 -33.26 11.77 -23.67
C LEU A 74 -33.16 13.14 -23.06
N ASP A 75 -33.21 13.19 -21.75
CA ASP A 75 -33.01 14.42 -20.97
C ASP A 75 -31.57 14.61 -20.52
N GLY A 76 -30.83 13.53 -20.39
CA GLY A 76 -29.47 13.60 -19.92
C GLY A 76 -28.76 12.28 -20.11
N ALA A 77 -27.51 12.22 -19.67
CA ALA A 77 -26.67 11.06 -19.86
C ALA A 77 -25.53 11.05 -18.89
N VAL A 78 -25.10 9.83 -18.58
CA VAL A 78 -23.87 9.55 -17.85
C VAL A 78 -22.88 9.05 -18.88
N PHE A 79 -21.89 9.89 -19.19
CA PHE A 79 -20.92 9.65 -20.24
C PHE A 79 -19.53 9.38 -19.67
N SER A 80 -18.76 8.62 -20.43
CA SER A 80 -17.31 8.59 -20.21
C SER A 80 -16.70 9.77 -20.94
N CYS A 81 -15.38 9.86 -20.93
CA CYS A 81 -14.73 10.94 -21.68
C CYS A 81 -14.93 10.82 -23.19
N LEU A 82 -15.33 9.65 -23.69
CA LEU A 82 -15.72 9.52 -25.10
C LEU A 82 -16.92 10.45 -25.36
N GLY A 83 -18.01 10.23 -24.65
CA GLY A 83 -19.19 11.05 -24.86
C GLY A 83 -18.95 12.51 -24.52
N LEU A 84 -18.25 12.78 -23.43
CA LEU A 84 -18.04 14.16 -23.03
C LEU A 84 -17.25 14.90 -24.09
N SER A 85 -16.20 14.25 -24.61
CA SER A 85 -15.33 14.93 -25.54
C SER A 85 -15.95 15.14 -26.90
N GLU A 86 -16.86 14.27 -27.29
CA GLU A 86 -17.56 14.45 -28.55
C GLU A 86 -18.74 15.40 -28.43
N LEU A 87 -19.33 15.50 -27.25
CA LEU A 87 -20.44 16.41 -27.02
C LEU A 87 -19.93 17.85 -27.04
N ALA A 88 -18.75 18.07 -26.46
CA ALA A 88 -18.13 19.39 -26.42
C ALA A 88 -16.71 19.29 -26.96
N PRO A 89 -16.58 19.43 -28.29
CA PRO A 89 -15.24 19.26 -28.84
C PRO A 89 -14.30 20.31 -28.28
N ASP A 90 -13.03 19.94 -28.21
CA ASP A 90 -12.02 20.82 -27.64
C ASP A 90 -12.39 21.21 -26.19
N SER A 91 -13.10 20.32 -25.47
CA SER A 91 -13.42 20.54 -24.06
C SER A 91 -12.17 20.62 -23.17
N GLY A 92 -11.16 19.85 -23.52
CA GLY A 92 -9.99 19.70 -22.66
C GLY A 92 -10.17 18.66 -21.55
N ILE A 93 -11.20 17.83 -21.61
CA ILE A 93 -11.42 16.90 -20.51
C ILE A 93 -10.29 15.86 -20.45
N TYR A 94 -9.62 15.62 -21.57
CA TYR A 94 -8.50 14.66 -21.53
C TYR A 94 -7.30 15.20 -20.78
N THR A 95 -7.33 16.47 -20.37
CA THR A 95 -6.31 16.98 -19.45
C THR A 95 -6.24 16.07 -18.22
N LEU A 96 -7.38 15.54 -17.79
CA LEU A 96 -7.41 14.72 -16.58
C LEU A 96 -6.73 13.36 -16.76
N SER A 97 -6.42 13.00 -18.00
CA SER A 97 -5.80 11.72 -18.30
C SER A 97 -4.28 11.85 -18.48
N VAL A 98 -3.72 13.03 -18.32
CA VAL A 98 -2.27 13.17 -18.45
C VAL A 98 -1.59 12.27 -17.43
N PRO A 99 -0.62 11.45 -17.89
CA PRO A 99 -0.04 10.50 -16.95
C PRO A 99 0.59 11.17 -15.73
N PHE A 100 0.22 10.60 -14.59
CA PHE A 100 0.69 11.02 -13.27
C PHE A 100 0.22 12.41 -12.82
N LEU A 101 -0.67 13.06 -13.58
CA LEU A 101 -1.19 14.36 -13.15
C LEU A 101 -2.06 14.23 -11.90
N ILE A 102 -2.98 13.27 -11.92
CA ILE A 102 -3.85 12.99 -10.78
C ILE A 102 -3.69 11.50 -10.43
N GLN A 103 -3.14 11.22 -9.24
CA GLN A 103 -2.70 9.87 -8.91
C GLN A 103 -3.51 9.15 -7.83
N ASN A 104 -4.44 9.82 -7.17
CA ASN A 104 -5.13 9.19 -6.05
C ASN A 104 -6.47 9.85 -5.79
N GLU A 105 -7.28 9.19 -4.96
CA GLU A 105 -8.64 9.61 -4.71
C GLU A 105 -8.72 10.98 -4.03
N LYS A 106 -7.84 11.23 -3.07
CA LYS A 106 -7.84 12.51 -2.36
C LYS A 106 -7.64 13.63 -3.36
N ASP A 107 -6.71 13.43 -4.29
CA ASP A 107 -6.38 14.49 -5.22
C ASP A 107 -7.44 14.69 -6.29
N LEU A 108 -8.02 13.59 -6.78
CA LEU A 108 -9.14 13.71 -7.71
C LEU A 108 -10.31 14.47 -7.08
N GLU A 109 -10.64 14.15 -5.83
CA GLU A 109 -11.71 14.86 -5.14
C GLU A 109 -11.41 16.35 -5.02
N ARG A 110 -10.17 16.69 -4.73
CA ARG A 110 -9.79 18.09 -4.63
C ARG A 110 -10.02 18.79 -5.97
N VAL A 111 -9.61 18.16 -7.07
CA VAL A 111 -9.81 18.73 -8.40
C VAL A 111 -11.30 18.89 -8.70
N LEU A 112 -12.08 17.84 -8.48
CA LEU A 112 -13.51 17.90 -8.80
C LEU A 112 -14.27 18.88 -7.92
N HIS A 113 -13.81 19.09 -6.70
CA HIS A 113 -14.40 20.08 -5.81
C HIS A 113 -13.97 21.51 -6.19
N GLU A 114 -12.66 21.76 -6.23
CA GLU A 114 -12.14 23.12 -6.32
C GLU A 114 -12.25 23.71 -7.71
N LEU A 115 -12.13 22.85 -8.72
CA LEU A 115 -12.10 23.32 -10.10
C LEU A 115 -13.36 23.01 -10.86
N ARG A 116 -14.45 22.80 -10.11
CA ARG A 116 -15.72 22.46 -10.70
C ARG A 116 -16.17 23.44 -11.80
N GLU A 117 -16.06 24.74 -11.57
CA GLU A 117 -16.57 25.70 -12.54
C GLU A 117 -15.77 25.62 -13.84
N ASP A 118 -14.47 25.39 -13.71
CA ASP A 118 -13.59 25.27 -14.86
C ASP A 118 -13.87 23.98 -15.65
N LEU A 119 -14.11 22.88 -14.93
CA LEU A 119 -14.44 21.61 -15.57
C LEU A 119 -15.76 21.70 -16.31
N ASP A 120 -16.71 22.40 -15.72
CA ASP A 120 -18.05 22.41 -16.28
C ASP A 120 -18.19 23.37 -17.46
N ARG A 121 -17.29 24.35 -17.57
CA ARG A 121 -17.49 25.45 -18.50
C ARG A 121 -17.81 25.03 -19.94
N PRO A 122 -17.03 24.13 -20.53
CA PRO A 122 -17.36 23.79 -21.93
C PRO A 122 -18.69 23.07 -22.09
N PHE A 123 -19.13 22.36 -21.06
CA PHE A 123 -20.39 21.65 -21.11
C PHE A 123 -21.56 22.60 -20.98
N ARG A 124 -21.40 23.59 -20.11
CA ARG A 124 -22.41 24.64 -20.01
C ARG A 124 -22.53 25.37 -21.35
N ALA A 125 -21.39 25.66 -21.99
CA ALA A 125 -21.39 26.38 -23.25
C ALA A 125 -22.05 25.56 -24.36
N ALA A 126 -22.06 24.23 -24.22
CA ALA A 126 -22.71 23.32 -25.14
C ALA A 126 -24.19 23.10 -24.85
N GLY A 127 -24.69 23.74 -23.79
CA GLY A 127 -26.11 23.63 -23.46
C GLY A 127 -26.49 22.59 -22.41
N PHE A 128 -25.54 22.20 -21.57
CA PHE A 128 -25.76 21.18 -20.56
C PHE A 128 -25.33 21.63 -19.18
N ARG A 129 -26.08 21.16 -18.20
CA ARG A 129 -25.68 21.28 -16.81
C ARG A 129 -24.93 20.01 -16.39
N VAL A 130 -23.78 20.17 -15.75
CA VAL A 130 -23.11 19.01 -15.18
C VAL A 130 -23.69 18.78 -13.78
N ILE A 131 -24.31 17.62 -13.62
CA ILE A 131 -24.97 17.27 -12.37
C ILE A 131 -23.98 16.71 -11.37
N THR A 132 -23.17 15.77 -11.82
CA THR A 132 -22.12 15.20 -10.97
C THR A 132 -20.98 14.69 -11.82
N TRP A 133 -19.79 14.74 -11.23
CA TRP A 133 -18.61 14.05 -11.71
C TRP A 133 -18.39 12.81 -10.86
N THR A 134 -17.99 11.71 -11.51
CA THR A 134 -17.56 10.52 -10.79
C THR A 134 -16.39 9.91 -11.59
N ASN A 135 -16.10 8.65 -11.32
CA ASN A 135 -14.87 8.04 -11.82
C ASN A 135 -15.11 6.56 -12.05
N ALA A 136 -14.67 6.07 -13.20
CA ALA A 136 -14.80 4.66 -13.55
C ALA A 136 -13.68 3.83 -12.94
N GLY A 137 -12.58 4.47 -12.58
CA GLY A 137 -11.45 3.74 -12.03
C GLY A 137 -10.14 4.43 -12.30
N TRP A 138 -9.06 3.68 -12.09
CA TRP A 138 -7.70 4.19 -12.21
C TRP A 138 -6.92 3.32 -13.19
N LEU A 139 -6.44 3.89 -14.28
CA LEU A 139 -5.67 3.13 -15.26
C LEU A 139 -4.30 2.80 -14.68
N SER A 140 -3.94 1.52 -14.78
CA SER A 140 -2.62 1.04 -14.36
C SER A 140 -2.09 0.04 -15.39
N PHE A 141 -0.76 -0.12 -15.40
CA PHE A 141 -0.09 -1.10 -16.26
C PHE A 141 0.10 -2.47 -15.61
N TYR A 142 -0.37 -3.51 -16.30
CA TYR A 142 -0.23 -4.89 -15.88
C TYR A 142 0.60 -5.58 -16.94
N THR A 143 1.75 -6.12 -16.55
CA THR A 143 2.73 -6.62 -17.52
C THR A 143 3.29 -7.99 -17.19
N ARG A 144 3.65 -8.73 -18.22
CA ARG A 144 4.31 -10.02 -18.05
C ARG A 144 5.71 -9.83 -17.50
N ALA A 145 6.40 -8.76 -17.92
CA ALA A 145 7.78 -8.51 -17.55
C ALA A 145 7.92 -7.16 -16.89
N PRO A 146 8.96 -7.01 -16.05
CA PRO A 146 9.26 -5.73 -15.41
C PRO A 146 9.94 -4.79 -16.39
N TYR A 147 10.22 -3.58 -15.92
CA TYR A 147 10.83 -2.54 -16.74
C TYR A 147 11.70 -1.70 -15.82
N ALA A 148 12.87 -1.31 -16.31
CA ALA A 148 13.85 -0.59 -15.49
C ALA A 148 13.71 0.91 -15.64
N SER A 149 12.84 1.35 -16.55
CA SER A 149 12.63 2.77 -16.77
C SER A 149 11.31 2.95 -17.47
N LEU A 150 10.83 4.20 -17.48
CA LEU A 150 9.62 4.51 -18.20
C LEU A 150 9.80 4.20 -19.70
N GLY A 151 10.96 4.53 -20.24
CA GLY A 151 11.19 4.25 -21.64
C GLY A 151 11.08 2.78 -21.95
N GLN A 152 11.56 1.92 -21.05
CA GLN A 152 11.44 0.48 -21.29
C GLN A 152 9.99 0.02 -21.27
N LEU A 153 9.18 0.57 -20.37
CA LEU A 153 7.76 0.28 -20.39
C LEU A 153 7.11 0.74 -21.69
N LYS A 154 7.49 1.94 -22.15
CA LYS A 154 6.88 2.46 -23.37
C LYS A 154 7.17 1.58 -24.59
N LYS A 155 8.24 0.80 -24.52
CA LYS A 155 8.58 -0.09 -25.63
C LYS A 155 7.78 -1.40 -25.61
N GLN A 156 7.15 -1.70 -24.48
CA GLN A 156 6.29 -2.90 -24.41
C GLN A 156 5.00 -2.69 -25.20
N THR A 157 4.48 -3.76 -25.76
CA THR A 157 3.23 -3.70 -26.51
C THR A 157 2.09 -3.96 -25.55
N ILE A 158 1.29 -2.93 -25.30
CA ILE A 158 0.31 -2.97 -24.23
C ILE A 158 -1.09 -2.70 -24.78
N ALA A 159 -2.04 -3.57 -24.47
CA ALA A 159 -3.42 -3.43 -24.93
C ALA A 159 -4.21 -2.50 -24.04
N LEU A 160 -5.02 -1.66 -24.66
N LEU A 160 -4.87 -1.51 -24.63
CA LEU A 160 -5.96 -0.79 -23.95
CA LEU A 160 -5.63 -0.57 -23.82
C LEU A 160 -7.38 -1.05 -24.46
C LEU A 160 -7.08 -1.01 -23.76
N SER A 161 -8.31 -1.31 -23.54
N SER A 161 -7.57 -1.11 -22.54
CA SER A 161 -9.68 -1.70 -23.88
CA SER A 161 -8.91 -1.58 -22.30
C SER A 161 -10.80 -0.89 -23.15
C SER A 161 -9.69 -0.44 -21.71
N SER A 162 -10.45 0.25 -22.54
CA SER A 162 -11.40 1.23 -21.97
C SER A 162 -12.50 1.66 -22.92
N LEU A 163 -13.55 2.25 -22.38
CA LEU A 163 -14.66 2.69 -23.19
C LEU A 163 -14.23 3.73 -24.21
N ASP A 164 -13.22 4.49 -23.85
CA ASP A 164 -12.72 5.57 -24.70
C ASP A 164 -11.34 5.27 -25.28
N SER A 165 -11.08 3.99 -25.56
CA SER A 165 -9.73 3.53 -25.87
C SER A 165 -9.02 4.20 -27.05
N SER A 166 -9.77 4.52 -28.11
CA SER A 166 -9.20 5.10 -29.32
C SER A 166 -8.44 6.42 -29.08
N VAL A 167 -9.15 7.40 -28.51
CA VAL A 167 -8.55 8.70 -28.25
C VAL A 167 -7.58 8.65 -27.12
N LEU A 168 -7.97 7.94 -26.06
CA LEU A 168 -7.07 7.86 -24.95
C LEU A 168 -5.79 7.17 -25.45
N GLY A 169 -5.94 6.14 -26.27
CA GLY A 169 -4.79 5.41 -26.78
C GLY A 169 -3.89 6.30 -27.64
N THR A 170 -4.52 7.16 -28.43
CA THR A 170 -3.79 8.10 -29.27
C THR A 170 -2.95 9.04 -28.42
N CYS A 171 -3.53 9.55 -27.35
N CYS A 171 -3.54 9.53 -27.34
CA CYS A 171 -2.78 10.37 -26.41
CA CYS A 171 -2.82 10.36 -26.39
C CYS A 171 -1.56 9.63 -25.88
C CYS A 171 -1.59 9.64 -25.86
N PHE A 172 -1.76 8.40 -25.42
CA PHE A 172 -0.66 7.63 -24.86
C PHE A 172 0.35 7.25 -25.94
N ARG A 173 -0.10 7.04 -27.17
CA ARG A 173 0.86 6.78 -28.24
C ARG A 173 1.75 8.01 -28.51
N ILE A 174 1.18 9.22 -28.41
CA ILE A 174 1.98 10.42 -28.58
C ILE A 174 3.01 10.53 -27.43
N CYS A 175 2.62 10.12 -26.24
CA CYS A 175 3.55 10.08 -25.12
C CYS A 175 4.70 9.10 -25.39
N GLY A 176 4.51 8.18 -26.33
CA GLY A 176 5.56 7.25 -26.68
C GLY A 176 5.30 5.80 -26.30
N PHE A 177 4.16 5.51 -25.66
CA PHE A 177 3.83 4.13 -25.31
C PHE A 177 3.38 3.37 -26.56
N ASP A 178 3.76 2.10 -26.65
CA ASP A 178 3.28 1.24 -27.73
C ASP A 178 1.93 0.64 -27.33
N ILE A 179 0.92 1.50 -27.29
CA ILE A 179 -0.42 1.09 -26.96
C ILE A 179 -1.14 0.56 -28.18
N LYS A 180 -1.70 -0.64 -27.99
CA LYS A 180 -2.42 -1.36 -29.01
C LYS A 180 -3.88 -1.21 -28.65
N ASP A 181 -4.61 -0.50 -29.50
CA ASP A 181 -6.03 -0.37 -29.30
C ASP A 181 -6.63 -1.77 -29.30
N ALA A 182 -7.55 -2.02 -28.36
CA ALA A 182 -8.00 -3.40 -28.14
C ALA A 182 -9.42 -3.50 -27.54
N PRO A 183 -10.40 -2.90 -28.22
CA PRO A 183 -11.79 -2.92 -27.75
C PRO A 183 -12.35 -4.34 -27.63
N ASN A 184 -12.80 -4.70 -26.43
CA ASN A 184 -13.35 -6.03 -26.16
C ASN A 184 -12.38 -7.15 -26.53
N ALA A 185 -11.09 -6.87 -26.59
CA ALA A 185 -10.13 -7.84 -27.06
C ALA A 185 -10.04 -9.02 -26.12
N ARG A 186 -9.92 -10.19 -26.72
CA ARG A 186 -9.86 -11.43 -25.97
C ARG A 186 -8.39 -11.70 -25.64
N LEU A 187 -7.93 -11.04 -24.58
CA LEU A 187 -6.50 -10.95 -24.32
C LEU A 187 -5.84 -12.24 -23.84
N ALA A 188 -6.60 -13.18 -23.29
CA ALA A 188 -5.94 -14.31 -22.64
C ALA A 188 -5.02 -15.10 -23.57
N PRO A 189 -5.51 -15.51 -24.75
CA PRO A 189 -4.61 -16.28 -25.61
C PRO A 189 -3.45 -15.42 -26.11
N LEU A 190 -3.67 -14.12 -26.27
CA LEU A 190 -2.62 -13.22 -26.76
C LEU A 190 -1.51 -13.02 -25.74
N LEU A 191 -1.87 -12.85 -24.47
CA LEU A 191 -0.90 -12.78 -23.39
C LEU A 191 -0.14 -14.09 -23.30
N LYS A 192 -0.86 -15.21 -23.39
CA LYS A 192 -0.20 -16.52 -23.32
C LYS A 192 0.74 -16.76 -24.51
N ALA A 193 0.35 -16.31 -25.69
CA ALA A 193 1.13 -16.55 -26.92
C ALA A 193 2.31 -15.57 -27.02
N GLY A 194 2.20 -14.43 -26.34
CA GLY A 194 3.24 -13.42 -26.36
C GLY A 194 3.08 -12.40 -27.47
N SER A 195 1.90 -12.31 -28.05
CA SER A 195 1.61 -11.32 -29.07
C SER A 195 1.51 -9.96 -28.44
N ILE A 196 1.17 -9.92 -27.14
CA ILE A 196 1.20 -8.66 -26.42
C ILE A 196 1.87 -8.88 -25.08
N ASP A 197 2.32 -7.78 -24.48
CA ASP A 197 3.14 -7.84 -23.28
C ASP A 197 2.38 -7.54 -22.02
N GLY A 198 1.16 -7.02 -22.17
CA GLY A 198 0.41 -6.59 -21.01
C GLY A 198 -0.78 -5.73 -21.40
N PHE A 199 -1.38 -5.09 -20.42
CA PHE A 199 -2.56 -4.29 -20.66
C PHE A 199 -2.62 -3.12 -19.70
N LEU A 200 -3.41 -2.11 -20.09
CA LEU A 200 -3.58 -0.89 -19.33
C LEU A 200 -5.07 -0.80 -19.06
N SER A 201 -5.46 -0.85 -17.79
CA SER A 201 -6.87 -0.98 -17.43
C SER A 201 -7.15 -0.55 -15.99
N VAL A 202 -8.41 -0.36 -15.68
CA VAL A 202 -8.82 -0.15 -14.29
C VAL A 202 -8.77 -1.49 -13.54
N HIS A 203 -8.84 -1.43 -12.21
N HIS A 203 -8.83 -1.41 -12.21
CA HIS A 203 -8.57 -2.60 -11.37
CA HIS A 203 -8.60 -2.59 -11.38
C HIS A 203 -9.62 -3.70 -11.48
C HIS A 203 -9.61 -3.69 -11.62
N LEU A 204 -10.89 -3.31 -11.63
CA LEU A 204 -11.95 -4.30 -11.74
C LEU A 204 -11.73 -5.18 -12.98
N PHE A 205 -11.32 -4.54 -14.08
CA PHE A 205 -11.05 -5.25 -15.32
C PHE A 205 -10.05 -6.38 -15.12
N THR A 206 -8.95 -6.08 -14.46
CA THR A 206 -7.88 -7.03 -14.28
C THR A 206 -8.42 -8.23 -13.52
N TRP A 207 -9.35 -7.99 -12.59
CA TRP A 207 -9.91 -9.06 -11.78
C TRP A 207 -11.05 -9.79 -12.50
N ALA A 208 -12.03 -9.05 -13.01
CA ALA A 208 -13.23 -9.64 -13.62
C ALA A 208 -12.95 -10.44 -14.89
N THR A 209 -12.05 -9.94 -15.72
CA THR A 209 -11.64 -10.70 -16.91
C THR A 209 -10.83 -11.95 -16.60
N GLY A 210 -10.15 -11.96 -15.44
CA GLY A 210 -9.19 -13.00 -15.11
C GLY A 210 -7.79 -12.81 -15.73
N PHE A 211 -7.61 -11.68 -16.41
CA PHE A 211 -6.36 -11.47 -17.16
C PHE A 211 -5.16 -11.28 -16.23
N TYR A 212 -5.40 -10.96 -14.96
CA TYR A 212 -4.33 -10.87 -13.97
C TYR A 212 -3.52 -12.15 -13.92
N ARG A 213 -4.15 -13.27 -14.29
CA ARG A 213 -3.50 -14.55 -14.19
C ARG A 213 -2.37 -14.71 -15.20
N TYR A 214 -2.39 -13.87 -16.24
CA TYR A 214 -1.45 -13.99 -17.35
C TYR A 214 -0.47 -12.85 -17.44
N ILE A 215 -0.32 -12.14 -16.33
CA ILE A 215 0.71 -11.14 -16.19
C ILE A 215 1.34 -11.33 -14.82
N SER A 216 2.46 -10.65 -14.59
CA SER A 216 3.26 -10.88 -13.38
C SER A 216 3.50 -9.65 -12.54
N TYR A 217 3.24 -8.46 -13.11
CA TYR A 217 3.55 -7.18 -12.47
C TYR A 217 2.41 -6.21 -12.63
N ALA A 218 2.11 -5.49 -11.55
CA ALA A 218 1.08 -4.45 -11.57
C ALA A 218 1.67 -3.18 -11.00
N LEU A 219 1.64 -2.10 -11.76
CA LEU A 219 2.16 -0.82 -11.28
C LEU A 219 1.20 -0.16 -10.32
N ASP A 220 1.67 0.10 -9.09
CA ASP A 220 0.73 0.59 -8.07
C ASP A 220 0.55 2.11 -8.15
N THR A 221 1.47 2.79 -8.83
CA THR A 221 1.34 4.21 -9.05
C THR A 221 0.41 4.42 -10.21
N LYS A 222 -0.78 4.97 -9.93
CA LYS A 222 -1.82 5.06 -10.95
C LYS A 222 -1.45 6.07 -12.01
N ILE A 223 -1.74 5.71 -13.25
CA ILE A 223 -1.46 6.60 -14.38
C ILE A 223 -2.42 7.78 -14.42
N CYS A 224 -3.71 7.50 -14.29
CA CYS A 224 -4.72 8.57 -14.36
C CYS A 224 -6.06 7.98 -13.95
N PRO A 225 -7.01 8.84 -13.58
CA PRO A 225 -8.39 8.41 -13.41
C PRO A 225 -9.09 8.28 -14.77
N ALA A 226 -10.33 7.79 -14.72
CA ALA A 226 -11.19 7.66 -15.89
C ALA A 226 -12.52 8.33 -15.57
N VAL A 227 -12.52 9.65 -15.67
N VAL A 227 -12.52 9.65 -15.66
CA VAL A 227 -13.63 10.44 -15.14
CA VAL A 227 -13.67 10.39 -15.15
C VAL A 227 -14.90 10.32 -15.98
C VAL A 227 -14.91 10.16 -15.97
N ILE A 228 -16.03 10.34 -15.27
CA ILE A 228 -17.36 10.17 -15.82
C ILE A 228 -18.16 11.41 -15.48
N GLY A 229 -18.96 11.90 -16.40
CA GLY A 229 -19.80 13.06 -16.15
C GLY A 229 -21.25 12.78 -16.43
N MET A 230 -22.09 13.26 -15.50
N MET A 230 -22.12 13.20 -15.50
CA MET A 230 -23.53 13.21 -15.65
CA MET A 230 -23.55 13.11 -15.74
C MET A 230 -24.02 14.58 -16.10
C MET A 230 -24.06 14.51 -16.07
N LEU A 231 -24.65 14.63 -17.26
CA LEU A 231 -25.14 15.88 -17.83
C LEU A 231 -26.63 15.82 -18.04
N ILE A 232 -27.30 16.94 -17.83
CA ILE A 232 -28.71 17.12 -18.20
C ILE A 232 -28.82 18.38 -19.05
N SER A 233 -29.54 18.30 -20.16
N SER A 233 -29.59 18.29 -20.13
CA SER A 233 -29.67 19.48 -21.00
CA SER A 233 -29.79 19.44 -21.02
C SER A 233 -30.34 20.63 -20.25
C SER A 233 -30.40 20.63 -20.26
N ASP A 234 -30.02 21.84 -20.64
CA ASP A 234 -30.57 23.01 -19.98
C ASP A 234 -32.10 22.97 -20.01
N GLY A 235 -32.69 22.60 -21.15
CA GLY A 235 -34.14 22.58 -21.25
C GLY A 235 -34.82 21.57 -20.35
N SER A 236 -34.16 20.42 -20.17
CA SER A 236 -34.69 19.40 -19.29
C SER A 236 -34.54 19.76 -17.82
N TRP A 237 -33.43 20.38 -17.46
CA TRP A 237 -33.22 20.83 -16.09
C TRP A 237 -34.26 21.90 -15.75
N ALA A 238 -34.60 22.71 -16.75
CA ALA A 238 -35.56 23.79 -16.54
C ALA A 238 -37.00 23.29 -16.31
N ARG A 239 -37.25 22.00 -16.55
CA ARG A 239 -38.55 21.42 -16.21
C ARG A 239 -38.73 21.32 -14.69
N ILE A 240 -37.62 21.37 -13.96
CA ILE A 240 -37.67 21.24 -12.51
C ILE A 240 -37.81 22.62 -11.88
N PRO A 241 -38.78 22.81 -10.99
CA PRO A 241 -38.87 24.11 -10.32
C PRO A 241 -37.53 24.51 -9.63
N SER A 242 -37.15 25.76 -9.81
CA SER A 242 -35.86 26.27 -9.42
C SER A 242 -35.60 26.13 -7.93
N ARG A 243 -36.64 26.18 -7.12
CA ARG A 243 -36.46 26.08 -5.68
C ARG A 243 -35.80 24.76 -5.25
N TYR A 244 -35.84 23.74 -6.11
CA TYR A 244 -35.28 22.43 -5.76
C TYR A 244 -33.86 22.24 -6.25
N HIS A 245 -33.39 23.10 -7.15
CA HIS A 245 -32.11 22.85 -7.84
C HIS A 245 -30.93 22.65 -6.90
N ASP A 246 -30.73 23.56 -5.96
CA ASP A 246 -29.55 23.52 -5.13
C ASP A 246 -29.50 22.24 -4.30
N ALA A 247 -30.63 21.87 -3.70
CA ALA A 247 -30.69 20.64 -2.91
C ALA A 247 -30.41 19.42 -3.78
N MET A 248 -30.92 19.43 -5.01
CA MET A 248 -30.71 18.30 -5.89
C MET A 248 -29.24 18.16 -6.29
N LEU A 249 -28.58 19.28 -6.51
CA LEU A 249 -27.17 19.26 -6.87
C LEU A 249 -26.30 18.87 -5.67
N GLN A 250 -26.68 19.30 -4.47
CA GLN A 250 -25.98 18.88 -3.27
C GLN A 250 -26.06 17.37 -3.08
N ALA A 251 -27.25 16.80 -3.31
CA ALA A 251 -27.41 15.35 -3.25
C ALA A 251 -26.51 14.68 -4.28
N ALA A 252 -26.39 15.26 -5.46
CA ALA A 252 -25.50 14.67 -6.49
C ALA A 252 -24.02 14.73 -6.10
N THR A 253 -23.61 15.78 -5.40
CA THR A 253 -22.26 15.83 -4.88
C THR A 253 -22.03 14.70 -3.88
N ARG A 254 -23.00 14.43 -3.00
CA ARG A 254 -22.84 13.34 -2.05
C ARG A 254 -22.72 12.01 -2.78
N VAL A 255 -23.38 11.84 -3.92
CA VAL A 255 -23.19 10.64 -4.74
C VAL A 255 -21.75 10.47 -5.14
N ARG A 256 -21.12 11.54 -5.60
CA ARG A 256 -19.73 11.46 -6.00
C ARG A 256 -18.90 10.94 -4.82
N GLN A 257 -19.14 11.51 -3.66
CA GLN A 257 -18.32 11.20 -2.51
C GLN A 257 -18.55 9.78 -2.03
N ARG A 258 -19.79 9.32 -2.00
CA ARG A 258 -20.05 7.93 -1.63
C ARG A 258 -19.45 6.96 -2.65
N LEU A 259 -19.58 7.26 -3.93
CA LEU A 259 -19.02 6.40 -4.98
C LEU A 259 -17.53 6.31 -4.83
N ALA A 260 -16.85 7.42 -4.57
CA ALA A 260 -15.40 7.38 -4.47
C ALA A 260 -14.98 6.49 -3.31
N ASN A 261 -15.72 6.58 -2.21
N ASN A 261 -15.69 6.56 -2.20
CA ASN A 261 -15.51 5.75 -1.05
CA ASN A 261 -15.39 5.68 -1.08
C ASN A 261 -15.67 4.26 -1.37
C ASN A 261 -15.60 4.23 -1.47
N ASN A 262 -16.75 3.92 -2.08
CA ASN A 262 -17.01 2.53 -2.45
C ASN A 262 -16.02 2.02 -3.48
N LEU A 263 -15.65 2.85 -4.44
CA LEU A 263 -14.72 2.45 -5.47
C LEU A 263 -13.35 2.17 -4.86
N GLU A 264 -12.93 3.00 -3.92
CA GLU A 264 -11.62 2.82 -3.30
C GLU A 264 -11.58 1.50 -2.55
N THR A 265 -12.66 1.17 -1.85
CA THR A 265 -12.74 -0.12 -1.15
C THR A 265 -12.64 -1.29 -2.15
N LEU A 266 -13.41 -1.22 -3.23
CA LEU A 266 -13.41 -2.26 -4.26
C LEU A 266 -12.02 -2.39 -4.87
N ASP A 267 -11.37 -1.26 -5.15
CA ASP A 267 -10.07 -1.29 -5.81
C ASP A 267 -9.00 -1.93 -4.93
N ARG A 268 -8.99 -1.59 -3.64
CA ARG A 268 -8.00 -2.15 -2.72
C ARG A 268 -8.21 -3.65 -2.60
N GLU A 269 -9.48 -4.06 -2.56
CA GLU A 269 -9.85 -5.47 -2.54
C GLU A 269 -9.27 -6.18 -3.76
N CYS A 270 -9.52 -5.60 -4.93
N CYS A 270 -9.37 -5.54 -4.90
CA CYS A 270 -9.06 -6.18 -6.18
CA CYS A 270 -8.86 -6.10 -6.13
C CYS A 270 -7.54 -6.35 -6.09
C CYS A 270 -7.34 -6.21 -6.14
N SER A 271 -6.84 -5.27 -5.71
N SER A 271 -6.66 -5.17 -5.67
CA SER A 271 -5.38 -5.29 -5.67
CA SER A 271 -5.20 -5.21 -5.59
C SER A 271 -4.86 -6.37 -4.72
C SER A 271 -4.78 -6.34 -4.67
N ASN A 272 -5.48 -6.48 -3.55
CA ASN A 272 -5.15 -7.54 -2.60
C ASN A 272 -5.32 -8.91 -3.21
N ASN A 273 -6.37 -9.06 -4.00
CA ASN A 273 -6.68 -10.37 -4.57
C ASN A 273 -5.70 -10.73 -5.68
N ILE A 274 -5.32 -9.74 -6.48
CA ILE A 274 -4.32 -9.92 -7.50
C ILE A 274 -2.98 -10.33 -6.86
N GLN A 275 -2.61 -9.67 -5.77
CA GLN A 275 -1.36 -9.97 -5.09
C GLN A 275 -1.38 -11.38 -4.50
N LYS A 276 -2.52 -11.79 -3.94
CA LYS A 276 -2.62 -13.13 -3.37
C LYS A 276 -2.45 -14.19 -4.44
N ALA A 277 -2.85 -13.85 -5.65
CA ALA A 277 -2.72 -14.76 -6.78
C ALA A 277 -1.30 -14.80 -7.35
N GLY A 278 -0.39 -13.99 -6.82
CA GLY A 278 1.00 -14.09 -7.22
C GLY A 278 1.53 -12.94 -8.05
N VAL A 279 0.69 -11.96 -8.35
CA VAL A 279 1.15 -10.77 -9.07
C VAL A 279 1.97 -9.89 -8.15
N SER A 280 3.12 -9.45 -8.66
CA SER A 280 3.99 -8.54 -7.93
C SER A 280 3.57 -7.10 -8.13
N ILE A 281 3.45 -6.37 -7.03
CA ILE A 281 3.15 -4.96 -7.10
C ILE A 281 4.44 -4.16 -7.34
N VAL A 282 4.46 -3.38 -8.41
CA VAL A 282 5.61 -2.54 -8.75
C VAL A 282 5.41 -1.20 -8.04
N HIS A 283 6.41 -0.81 -7.27
N HIS A 283 6.38 -0.83 -7.21
CA HIS A 283 6.35 0.37 -6.41
CA HIS A 283 6.33 0.38 -6.42
C HIS A 283 7.42 1.37 -6.81
C HIS A 283 7.42 1.34 -6.88
N LEU A 284 7.02 2.51 -7.38
CA LEU A 284 7.98 3.58 -7.69
C LEU A 284 8.17 4.47 -6.48
N THR A 285 9.43 4.80 -6.22
CA THR A 285 9.77 5.76 -5.16
C THR A 285 9.50 7.17 -5.60
N PRO A 286 9.55 8.13 -4.66
CA PRO A 286 9.26 9.51 -5.09
C PRO A 286 10.25 9.99 -6.14
N GLN A 287 11.51 9.59 -5.98
N GLN A 287 11.51 9.60 -6.02
CA GLN A 287 12.57 9.93 -6.93
CA GLN A 287 12.51 10.02 -6.98
C GLN A 287 12.18 9.45 -8.32
C GLN A 287 12.22 9.44 -8.35
N GLU A 288 11.70 8.21 -8.38
CA GLU A 288 11.38 7.57 -9.64
C GLU A 288 10.10 8.19 -10.24
N ILE A 289 9.13 8.51 -9.40
CA ILE A 289 7.93 9.21 -9.89
C ILE A 289 8.31 10.55 -10.50
N GLN A 290 9.22 11.28 -9.84
CA GLN A 290 9.68 12.54 -10.37
C GLN A 290 10.37 12.34 -11.72
N GLU A 291 11.16 11.28 -11.84
CA GLU A 291 11.81 10.97 -13.11
C GLU A 291 10.78 10.70 -14.20
N TRP A 292 9.77 9.91 -13.88
CA TRP A 292 8.66 9.65 -14.80
C TRP A 292 7.94 10.97 -15.17
N ARG A 293 7.67 11.82 -14.19
CA ARG A 293 6.89 13.03 -14.46
C ARG A 293 7.65 14.02 -15.31
N THR A 294 8.97 14.05 -15.14
CA THR A 294 9.79 14.94 -15.95
C THR A 294 9.68 14.55 -17.42
N GLU A 295 9.68 13.23 -17.68
CA GLU A 295 9.49 12.74 -19.03
C GLU A 295 8.05 13.00 -19.49
N PHE A 296 7.05 12.76 -18.63
CA PHE A 296 5.65 13.02 -19.00
C PHE A 296 5.44 14.50 -19.31
N ALA A 297 6.21 15.39 -18.67
CA ALA A 297 6.10 16.81 -18.97
C ALA A 297 6.53 17.10 -20.40
N ALA A 298 7.57 16.41 -20.86
CA ALA A 298 7.95 16.50 -22.26
C ALA A 298 6.89 15.91 -23.19
N ASP A 299 6.29 14.81 -22.77
CA ASP A 299 5.24 14.20 -23.57
C ASP A 299 4.03 15.13 -23.69
N VAL A 300 3.72 15.86 -22.62
CA VAL A 300 2.65 16.87 -22.66
C VAL A 300 2.90 17.94 -23.72
N LYS A 301 4.14 18.39 -23.86
CA LYS A 301 4.44 19.39 -24.89
C LYS A 301 4.25 18.78 -26.27
N ARG A 302 4.53 17.49 -26.40
CA ARG A 302 4.34 16.80 -27.67
C ARG A 302 2.86 16.65 -27.98
N ILE A 303 2.05 16.30 -26.98
CA ILE A 303 0.58 16.27 -27.14
C ILE A 303 0.04 17.65 -27.59
N GLN A 304 0.53 18.72 -26.97
CA GLN A 304 0.07 20.08 -27.33
C GLN A 304 0.35 20.36 -28.79
N ALA A 305 1.51 19.92 -29.26
CA ALA A 305 1.93 20.21 -30.62
C ALA A 305 1.19 19.31 -31.61
N ARG A 306 1.05 18.04 -31.25
CA ARG A 306 0.48 17.05 -32.16
C ARG A 306 -1.04 17.06 -32.15
N LEU A 307 -1.64 17.31 -30.99
CA LEU A 307 -3.08 17.32 -30.84
C LEU A 307 -3.57 18.59 -30.14
N PRO A 308 -3.47 19.73 -30.84
CA PRO A 308 -3.91 20.97 -30.21
C PRO A 308 -5.38 20.88 -29.83
N GLY A 309 -5.73 21.36 -28.65
CA GLY A 309 -7.11 21.32 -28.19
C GLY A 309 -7.43 20.15 -27.28
N MET A 310 -6.61 19.11 -27.34
N MET A 310 -6.64 19.08 -27.34
CA MET A 310 -6.81 17.91 -26.53
CA MET A 310 -6.94 17.94 -26.48
C MET A 310 -6.69 18.24 -25.05
C MET A 310 -6.75 18.31 -25.02
N LEU A 311 -5.64 18.99 -24.73
CA LEU A 311 -5.38 19.45 -23.38
C LEU A 311 -5.76 20.92 -23.24
N ASN A 312 -6.32 21.25 -22.09
CA ASN A 312 -6.57 22.60 -21.69
C ASN A 312 -5.41 23.03 -20.78
N MET A 313 -4.50 23.86 -21.29
CA MET A 313 -3.24 24.10 -20.58
C MET A 313 -3.46 24.99 -19.35
N THR A 314 -4.48 25.83 -19.38
CA THR A 314 -4.81 26.63 -18.21
C THR A 314 -5.30 25.71 -17.08
N LEU A 315 -6.17 24.76 -17.41
CA LEU A 315 -6.62 23.76 -16.44
C LEU A 315 -5.46 22.92 -15.93
N TYR A 316 -4.59 22.51 -16.85
CA TYR A 316 -3.41 21.71 -16.50
C TYR A 316 -2.55 22.41 -15.44
N GLU A 317 -2.27 23.68 -15.66
CA GLU A 317 -1.44 24.45 -14.72
C GLU A 317 -2.18 24.64 -13.39
N LYS A 318 -3.49 24.81 -13.44
CA LYS A 318 -4.28 24.96 -12.22
C LYS A 318 -4.27 23.67 -11.41
N ILE A 319 -4.36 22.53 -12.09
CA ILE A 319 -4.33 21.26 -11.37
C ILE A 319 -2.94 21.07 -10.75
N LYS A 320 -1.88 21.38 -11.49
CA LYS A 320 -0.52 21.22 -10.95
C LYS A 320 -0.31 22.09 -9.71
N HIS A 321 -0.78 23.33 -9.78
CA HIS A 321 -0.66 24.26 -8.67
C HIS A 321 -1.47 23.74 -7.49
N LEU A 322 -2.70 23.33 -7.75
CA LEU A 322 -3.58 22.88 -6.68
C LEU A 322 -2.98 21.68 -5.94
N LEU A 323 -2.47 20.71 -6.69
CA LEU A 323 -2.01 19.47 -6.09
C LEU A 323 -0.54 19.46 -5.64
N TYR A 324 0.30 20.31 -6.22
CA TYR A 324 1.74 20.16 -6.02
C TYR A 324 2.43 21.43 -5.55
N SER A 325 1.66 22.43 -5.15
CA SER A 325 2.23 23.65 -4.59
C SER A 325 2.43 23.51 -3.09
N LYS B 9 -10.42 -30.92 9.81
CA LYS B 9 -9.52 -29.81 9.51
C LYS B 9 -8.71 -29.38 10.72
N VAL B 10 -7.50 -28.90 10.44
CA VAL B 10 -6.59 -28.42 11.46
C VAL B 10 -6.36 -26.92 11.26
N VAL B 11 -7.08 -26.11 12.01
CA VAL B 11 -6.94 -24.67 11.99
C VAL B 11 -6.08 -24.30 13.16
N LEU B 12 -4.87 -23.84 12.86
CA LEU B 12 -3.92 -23.48 13.90
C LEU B 12 -4.13 -22.05 14.32
N LYS B 13 -4.42 -21.84 15.60
CA LYS B 13 -4.65 -20.49 16.13
C LYS B 13 -3.33 -19.89 16.54
N ILE B 14 -2.96 -18.80 15.87
CA ILE B 14 -1.65 -18.20 16.02
C ILE B 14 -1.77 -16.77 16.52
N ALA B 15 -1.23 -16.48 17.69
CA ALA B 15 -1.18 -15.12 18.18
C ALA B 15 -0.11 -14.38 17.41
N SER B 16 -0.33 -13.11 17.08
CA SER B 16 0.63 -12.39 16.25
C SER B 16 0.80 -10.95 16.64
N ILE B 17 2.06 -10.52 16.63
CA ILE B 17 2.41 -9.12 16.80
C ILE B 17 2.39 -8.32 15.51
N ALA B 18 2.13 -8.95 14.38
CA ALA B 18 2.22 -8.27 13.08
C ALA B 18 1.09 -7.28 12.94
N PRO B 19 1.39 -6.04 12.59
CA PRO B 19 0.31 -5.08 12.39
C PRO B 19 -0.56 -5.39 11.18
N ALA B 20 -1.82 -4.97 11.23
CA ALA B 20 -2.73 -5.13 10.10
C ALA B 20 -2.13 -4.53 8.82
N ARG B 21 -2.18 -5.35 7.77
CA ARG B 21 -1.76 -4.99 6.42
C ARG B 21 -0.25 -4.80 6.30
N SER B 22 0.50 -5.21 7.30
CA SER B 22 1.96 -5.08 7.27
C SER B 22 2.58 -6.19 6.42
N ILE B 23 3.83 -6.01 6.01
CA ILE B 23 4.51 -7.03 5.22
C ILE B 23 4.55 -8.37 5.96
N TRP B 24 4.75 -8.35 7.28
CA TRP B 24 4.80 -9.60 8.02
C TRP B 24 3.45 -10.30 7.97
N GLU B 25 2.38 -9.54 8.18
CA GLU B 25 1.06 -10.15 8.17
C GLU B 25 0.78 -10.75 6.79
N THR B 26 1.11 -10.01 5.74
CA THR B 26 0.88 -10.48 4.39
C THR B 26 1.60 -11.81 4.12
N GLU B 27 2.85 -11.91 4.53
CA GLU B 27 3.59 -13.15 4.32
C GLU B 27 3.09 -14.29 5.15
N LEU B 28 2.61 -14.00 6.36
CA LEU B 28 2.07 -15.07 7.19
C LEU B 28 0.76 -15.61 6.61
N LYS B 29 -0.04 -14.75 6.01
CA LYS B 29 -1.24 -15.21 5.34
C LYS B 29 -0.88 -16.04 4.11
N LYS B 30 0.15 -15.61 3.37
N LYS B 30 0.16 -15.62 3.39
CA LYS B 30 0.64 -16.38 2.23
CA LYS B 30 0.64 -16.38 2.24
C LYS B 30 1.10 -17.75 2.72
C LYS B 30 1.15 -17.75 2.70
N LEU B 31 1.77 -17.79 3.87
CA LEU B 31 2.26 -19.05 4.43
C LEU B 31 1.09 -19.97 4.73
N SER B 32 0.04 -19.44 5.34
CA SER B 32 -1.15 -20.23 5.61
C SER B 32 -1.72 -20.82 4.33
N ALA B 33 -1.84 -19.99 3.29
CA ALA B 33 -2.38 -20.44 2.01
C ALA B 33 -1.52 -21.55 1.40
N GLU B 34 -0.21 -21.41 1.50
CA GLU B 34 0.68 -22.47 1.00
C GLU B 34 0.53 -23.76 1.80
N TRP B 35 0.45 -23.64 3.13
CA TRP B 35 0.23 -24.83 3.95
C TRP B 35 -1.07 -25.54 3.58
N SER B 36 -2.11 -24.78 3.28
N SER B 36 -2.11 -24.76 3.27
CA SER B 36 -3.37 -25.38 2.85
CA SER B 36 -3.38 -25.32 2.83
C SER B 36 -3.16 -26.14 1.55
C SER B 36 -3.22 -26.09 1.53
N GLU B 37 -2.44 -25.55 0.61
CA GLU B 37 -2.19 -26.24 -0.65
C GLU B 37 -1.39 -27.53 -0.43
N ILE B 38 -0.32 -27.42 0.35
CA ILE B 38 0.56 -28.54 0.63
C ILE B 38 -0.24 -29.71 1.22
N THR B 39 -1.18 -29.39 2.09
CA THR B 39 -1.89 -30.40 2.86
C THR B 39 -3.27 -30.74 2.29
N GLY B 40 -3.54 -30.33 1.05
CA GLY B 40 -4.81 -30.67 0.42
C GLY B 40 -6.01 -30.08 1.13
N GLY B 41 -5.80 -28.95 1.79
CA GLY B 41 -6.86 -28.23 2.48
C GLY B 41 -7.02 -28.58 3.95
N LEU B 42 -6.17 -29.45 4.46
CA LEU B 42 -6.27 -29.87 5.84
C LEU B 42 -5.89 -28.75 6.82
N VAL B 43 -4.74 -28.12 6.58
CA VAL B 43 -4.14 -27.22 7.57
C VAL B 43 -4.17 -25.75 7.12
N SER B 44 -4.51 -24.87 8.05
CA SER B 44 -4.44 -23.44 7.82
C SER B 44 -4.15 -22.75 9.14
N MET B 45 -3.89 -21.46 9.08
CA MET B 45 -3.71 -20.64 10.26
C MET B 45 -4.75 -19.54 10.33
N LYS B 46 -5.17 -19.25 11.55
CA LYS B 46 -6.00 -18.11 11.85
C LYS B 46 -5.22 -17.28 12.85
N PHE B 47 -5.15 -15.97 12.61
CA PHE B 47 -4.33 -15.07 13.41
C PHE B 47 -5.14 -14.22 14.36
N TYR B 48 -4.63 -14.06 15.57
CA TYR B 48 -5.23 -13.25 16.61
C TYR B 48 -4.23 -12.20 17.08
N ASP B 49 -4.65 -10.93 17.19
CA ASP B 49 -3.77 -9.87 17.65
C ASP B 49 -3.24 -10.24 19.02
N MET B 50 -1.93 -10.14 19.17
CA MET B 50 -1.33 -10.35 20.46
C MET B 50 -1.90 -9.40 21.52
N SER B 51 -2.19 -8.17 21.12
N SER B 51 -2.20 -8.16 21.15
CA SER B 51 -2.79 -7.19 22.03
CA SER B 51 -2.76 -7.22 22.12
C SER B 51 -4.12 -7.68 22.56
C SER B 51 -4.16 -7.62 22.56
N SER B 52 -4.92 -8.26 21.68
CA SER B 52 -6.27 -8.71 22.05
C SER B 52 -6.21 -9.84 23.08
N LEU B 53 -5.06 -10.48 23.16
CA LEU B 53 -4.85 -11.61 24.07
C LEU B 53 -4.20 -11.19 25.37
N GLY B 54 -3.80 -9.91 25.46
CA GLY B 54 -3.21 -9.36 26.66
C GLY B 54 -1.72 -9.14 26.59
N GLY B 55 -1.13 -9.27 25.40
CA GLY B 55 0.30 -9.07 25.24
C GLY B 55 1.09 -10.37 25.18
N GLU B 56 2.39 -10.26 24.95
CA GLU B 56 3.21 -11.44 24.69
C GLU B 56 3.29 -12.38 25.88
N ARG B 57 3.40 -11.88 27.11
CA ARG B 57 3.47 -12.76 28.27
C ARG B 57 2.18 -13.57 28.40
N GLU B 58 1.04 -12.93 28.15
CA GLU B 58 -0.23 -13.64 28.11
C GLU B 58 -0.28 -14.65 26.96
N GLY B 59 0.28 -14.29 25.82
CA GLY B 59 0.37 -15.22 24.71
C GLY B 59 1.10 -16.50 25.10
N ILE B 60 2.23 -16.36 25.81
CA ILE B 60 2.96 -17.53 26.29
C ILE B 60 2.07 -18.44 27.13
N ARG B 61 1.37 -17.84 28.08
CA ARG B 61 0.50 -18.59 28.97
C ARG B 61 -0.58 -19.35 28.19
N LYS B 62 -1.11 -18.73 27.15
CA LYS B 62 -2.24 -19.28 26.42
C LYS B 62 -1.83 -20.35 25.38
N LEU B 63 -0.51 -20.61 25.28
CA LEU B 63 0.01 -21.76 24.54
C LEU B 63 0.02 -23.05 25.37
N LYS B 64 -0.36 -22.98 26.63
CA LYS B 64 -0.19 -24.11 27.54
C LYS B 64 -1.55 -24.50 28.07
N ARG B 67 -5.60 -27.47 32.17
CA ARG B 67 -6.66 -28.47 32.22
C ARG B 67 -6.21 -29.71 31.44
N PRO B 68 -5.83 -30.78 32.16
CA PRO B 68 -5.26 -31.94 31.46
C PRO B 68 -6.25 -32.51 30.44
N GLY B 69 -5.73 -32.88 29.27
CA GLY B 69 -6.56 -33.49 28.24
C GLY B 69 -7.30 -32.48 27.38
N GLN B 70 -7.10 -31.19 27.68
CA GLN B 70 -7.77 -30.14 26.94
C GLN B 70 -6.78 -29.32 26.12
N ALA B 71 -7.23 -28.91 24.93
CA ALA B 71 -6.42 -28.15 24.01
C ALA B 71 -6.11 -26.75 24.57
N ALA B 72 -4.89 -26.29 24.33
CA ALA B 72 -4.54 -24.89 24.65
C ALA B 72 -5.37 -23.96 23.78
N PRO B 73 -5.68 -22.77 24.29
CA PRO B 73 -6.39 -21.79 23.45
C PRO B 73 -5.64 -21.44 22.17
N LEU B 74 -4.30 -21.40 22.25
CA LEU B 74 -3.47 -21.11 21.10
C LEU B 74 -2.62 -22.29 20.72
N ASP B 75 -2.36 -22.41 19.42
CA ASP B 75 -1.44 -23.41 18.90
C ASP B 75 -0.02 -22.88 18.70
N GLY B 76 0.10 -21.58 18.49
CA GLY B 76 1.41 -21.01 18.24
C GLY B 76 1.34 -19.50 18.33
N ALA B 77 2.48 -18.86 18.09
CA ALA B 77 2.59 -17.42 18.26
C ALA B 77 3.78 -16.88 17.51
N VAL B 78 3.64 -15.64 17.08
CA VAL B 78 4.72 -14.85 16.52
C VAL B 78 5.14 -13.82 17.57
N PHE B 79 6.32 -14.04 18.13
CA PHE B 79 6.83 -13.28 19.26
C PHE B 79 8.01 -12.41 18.85
N SER B 80 8.15 -11.29 19.54
CA SER B 80 9.42 -10.57 19.58
C SER B 80 10.34 -11.22 20.60
N CYS B 81 11.54 -10.69 20.77
CA CYS B 81 12.42 -11.23 21.79
C CYS B 81 11.86 -11.08 23.20
N LEU B 82 10.85 -10.23 23.39
CA LEU B 82 10.17 -10.17 24.69
C LEU B 82 9.53 -11.54 24.97
N GLY B 83 8.63 -11.97 24.09
CA GLY B 83 8.00 -13.27 24.26
C GLY B 83 9.01 -14.40 24.22
N LEU B 84 9.92 -14.40 23.27
CA LEU B 84 10.87 -15.51 23.18
C LEU B 84 11.69 -15.63 24.45
N SER B 85 12.18 -14.52 24.98
CA SER B 85 13.07 -14.60 26.13
C SER B 85 12.33 -15.01 27.40
N GLU B 86 11.07 -14.64 27.50
CA GLU B 86 10.27 -15.05 28.66
C GLU B 86 9.82 -16.50 28.51
N LEU B 87 9.61 -16.97 27.30
CA LEU B 87 9.14 -18.32 27.07
C LEU B 87 10.23 -19.32 27.42
N ALA B 88 11.47 -18.96 27.13
CA ALA B 88 12.61 -19.80 27.42
C ALA B 88 13.64 -18.95 28.14
N PRO B 89 13.53 -18.84 29.47
CA PRO B 89 14.48 -18.00 30.19
C PRO B 89 15.90 -18.46 29.97
N ASP B 90 16.83 -17.51 29.96
CA ASP B 90 18.24 -17.81 29.72
C ASP B 90 18.46 -18.52 28.36
N SER B 91 17.63 -18.19 27.37
CA SER B 91 17.76 -18.73 26.02
C SER B 91 19.03 -18.22 25.33
N GLY B 92 19.45 -17.01 25.70
CA GLY B 92 20.54 -16.34 25.00
C GLY B 92 20.13 -15.68 23.69
N ILE B 93 18.82 -15.52 23.45
CA ILE B 93 18.36 -14.90 22.21
C ILE B 93 18.85 -13.44 22.11
N TYR B 94 19.10 -12.80 23.25
CA TYR B 94 19.63 -11.44 23.24
C TYR B 94 21.09 -11.36 22.77
N THR B 95 21.74 -12.49 22.56
CA THR B 95 23.04 -12.47 21.91
C THR B 95 22.91 -11.76 20.56
N LEU B 96 21.78 -11.93 19.88
CA LEU B 96 21.60 -11.34 18.57
C LEU B 96 21.48 -9.83 18.61
N SER B 97 21.25 -9.27 19.80
CA SER B 97 21.13 -7.82 19.98
C SER B 97 22.44 -7.16 20.43
N VAL B 98 23.51 -7.92 20.49
CA VAL B 98 24.78 -7.31 20.88
C VAL B 98 25.15 -6.23 19.88
N PRO B 99 25.48 -5.01 20.36
CA PRO B 99 25.76 -3.98 19.37
C PRO B 99 26.87 -4.32 18.40
N PHE B 100 26.57 -4.07 17.14
CA PHE B 100 27.46 -4.30 16.00
C PHE B 100 27.80 -5.76 15.71
N LEU B 101 27.17 -6.71 16.39
CA LEU B 101 27.47 -8.10 16.10
C LEU B 101 26.90 -8.53 14.73
N ILE B 102 25.66 -8.15 14.48
CA ILE B 102 24.99 -8.43 13.22
C ILE B 102 24.47 -7.10 12.65
N GLN B 103 25.01 -6.70 11.50
CA GLN B 103 24.83 -5.31 11.03
C GLN B 103 24.14 -5.17 9.70
N ASN B 104 23.86 -6.26 9.01
CA ASN B 104 23.23 -6.19 7.71
C ASN B 104 22.43 -7.45 7.40
N GLU B 105 21.58 -7.35 6.39
CA GLU B 105 20.69 -8.44 6.01
C GLU B 105 21.42 -9.73 5.64
N LYS B 106 22.50 -9.61 4.87
CA LYS B 106 23.21 -10.79 4.40
C LYS B 106 23.77 -11.56 5.59
N ASP B 107 24.31 -10.84 6.55
CA ASP B 107 24.90 -11.48 7.73
C ASP B 107 23.83 -12.09 8.64
N LEU B 108 22.70 -11.40 8.80
CA LEU B 108 21.60 -11.97 9.58
C LEU B 108 21.09 -13.26 8.94
N GLU B 109 20.93 -13.27 7.62
CA GLU B 109 20.49 -14.49 6.94
C GLU B 109 21.48 -15.64 7.13
N ARG B 110 22.77 -15.32 7.09
CA ARG B 110 23.79 -16.34 7.29
C ARG B 110 23.63 -16.97 8.69
N VAL B 111 23.39 -16.14 9.70
CA VAL B 111 23.16 -16.63 11.06
C VAL B 111 21.90 -17.48 11.16
N LEU B 112 20.80 -17.00 10.62
CA LEU B 112 19.54 -17.70 10.76
C LEU B 112 19.54 -19.01 9.98
N HIS B 113 20.31 -19.04 8.90
CA HIS B 113 20.45 -20.25 8.12
C HIS B 113 21.43 -21.25 8.75
N GLU B 114 22.66 -20.81 8.99
CA GLU B 114 23.72 -21.75 9.37
C GLU B 114 23.61 -22.19 10.83
N LEU B 115 23.08 -21.33 11.68
CA LEU B 115 23.06 -21.60 13.12
C LEU B 115 21.65 -21.92 13.61
N ARG B 116 20.80 -22.33 12.69
CA ARG B 116 19.41 -22.62 12.99
C ARG B 116 19.24 -23.58 14.17
N GLU B 117 19.98 -24.69 14.18
CA GLU B 117 19.81 -25.65 15.26
C GLU B 117 20.18 -25.07 16.62
N ASP B 118 21.21 -24.25 16.64
CA ASP B 118 21.67 -23.62 17.88
C ASP B 118 20.65 -22.59 18.37
N LEU B 119 20.11 -21.81 17.45
CA LEU B 119 19.10 -20.83 17.79
C LEU B 119 17.83 -21.49 18.33
N ASP B 120 17.44 -22.61 17.73
CA ASP B 120 16.17 -23.25 18.10
C ASP B 120 16.24 -24.03 19.41
N ARG B 121 17.44 -24.47 19.80
CA ARG B 121 17.60 -25.40 20.91
C ARG B 121 16.80 -25.07 22.16
N PRO B 122 16.93 -23.83 22.69
CA PRO B 122 16.23 -23.59 23.95
C PRO B 122 14.71 -23.59 23.77
N PHE B 123 14.23 -23.26 22.58
CA PHE B 123 12.80 -23.26 22.32
C PHE B 123 12.27 -24.70 22.20
N ARG B 124 13.04 -25.56 21.54
CA ARG B 124 12.71 -26.98 21.50
C ARG B 124 12.67 -27.55 22.91
N ALA B 125 13.63 -27.18 23.75
CA ALA B 125 13.70 -27.68 25.12
C ALA B 125 12.49 -27.20 25.94
N ALA B 126 11.89 -26.08 25.53
CA ALA B 126 10.71 -25.56 26.22
C ALA B 126 9.40 -26.09 25.66
N GLY B 127 9.46 -26.96 24.66
CA GLY B 127 8.26 -27.60 24.16
C GLY B 127 7.70 -27.02 22.87
N PHE B 128 8.52 -26.32 22.09
CA PHE B 128 8.05 -25.60 20.91
C PHE B 128 8.91 -25.87 19.70
N ARG B 129 8.27 -25.94 18.56
CA ARG B 129 8.98 -25.95 17.29
C ARG B 129 9.10 -24.53 16.78
N VAL B 130 10.29 -24.12 16.37
CA VAL B 130 10.44 -22.85 15.71
C VAL B 130 10.15 -23.04 14.24
N ILE B 131 9.11 -22.37 13.76
CA ILE B 131 8.64 -22.50 12.40
C ILE B 131 9.43 -21.59 11.48
N THR B 132 9.57 -20.35 11.89
CA THR B 132 10.38 -19.41 11.10
C THR B 132 10.93 -18.31 11.98
N TRP B 133 12.09 -17.83 11.57
CA TRP B 133 12.71 -16.63 12.10
C TRP B 133 12.54 -15.53 11.08
N THR B 134 12.22 -14.33 11.56
CA THR B 134 12.22 -13.16 10.71
C THR B 134 12.74 -11.97 11.53
N ASN B 135 12.48 -10.76 11.08
CA ASN B 135 13.10 -9.58 11.64
C ASN B 135 12.14 -8.42 11.55
N ALA B 136 12.04 -7.68 12.65
CA ALA B 136 11.18 -6.50 12.71
C ALA B 136 11.86 -5.26 12.16
N GLY B 137 13.18 -5.28 12.08
CA GLY B 137 13.92 -4.10 11.64
C GLY B 137 15.29 -4.05 12.25
N TRP B 138 15.89 -2.88 12.11
CA TRP B 138 17.26 -2.63 12.52
C TRP B 138 17.29 -1.44 13.44
N LEU B 139 17.74 -1.64 14.67
CA LEU B 139 17.85 -0.53 15.62
C LEU B 139 19.02 0.39 15.26
N SER B 140 18.76 1.69 15.28
CA SER B 140 19.86 2.64 15.29
C SER B 140 19.46 3.92 16.03
N PHE B 141 20.43 4.82 16.14
CA PHE B 141 20.29 5.99 16.99
C PHE B 141 19.91 7.23 16.19
N TYR B 142 18.91 7.93 16.71
CA TYR B 142 18.39 9.17 16.15
C TYR B 142 18.52 10.21 17.24
N THR B 143 19.26 11.29 16.97
CA THR B 143 19.63 12.20 18.04
C THR B 143 19.48 13.65 17.62
N ARG B 144 19.22 14.50 18.62
CA ARG B 144 19.16 15.94 18.42
C ARG B 144 20.55 16.53 18.17
N ALA B 145 21.57 15.97 18.81
CA ALA B 145 22.91 16.52 18.74
C ALA B 145 23.87 15.46 18.23
N PRO B 146 24.97 15.89 17.61
CA PRO B 146 25.97 14.91 17.16
C PRO B 146 26.82 14.44 18.32
N TYR B 147 27.68 13.47 18.04
CA TYR B 147 28.54 12.88 19.08
C TYR B 147 29.86 12.54 18.41
N ALA B 148 30.96 12.87 19.08
CA ALA B 148 32.28 12.72 18.50
C ALA B 148 32.92 11.37 18.82
N SER B 149 32.24 10.57 19.64
CA SER B 149 32.73 9.24 20.05
C SER B 149 31.54 8.43 20.53
N LEU B 150 31.73 7.12 20.57
CA LEU B 150 30.74 6.26 21.16
C LEU B 150 30.49 6.66 22.62
N GLY B 151 31.53 6.98 23.37
CA GLY B 151 31.34 7.36 24.75
C GLY B 151 30.46 8.58 24.89
N GLN B 152 30.62 9.55 24.00
CA GLN B 152 29.78 10.75 24.06
C GLN B 152 28.31 10.38 23.80
N LEU B 153 28.06 9.51 22.84
CA LEU B 153 26.69 9.05 22.58
C LEU B 153 26.12 8.34 23.82
N LYS B 154 26.95 7.53 24.48
CA LYS B 154 26.52 6.82 25.69
C LYS B 154 26.10 7.77 26.80
N LYS B 155 26.61 9.00 26.78
CA LYS B 155 26.26 9.99 27.80
C LYS B 155 24.97 10.76 27.46
N GLN B 156 24.48 10.60 26.25
CA GLN B 156 23.17 11.19 25.89
C GLN B 156 22.07 10.38 26.53
N THR B 157 20.96 11.05 26.83
CA THR B 157 19.79 10.34 27.34
C THR B 157 18.92 9.89 26.18
N ILE B 158 18.81 8.59 26.00
CA ILE B 158 18.19 8.00 24.84
C ILE B 158 17.03 7.07 25.25
N ALA B 159 15.89 7.26 24.61
CA ALA B 159 14.74 6.36 24.82
C ALA B 159 14.81 5.19 23.85
N LEU B 160 14.54 3.99 24.35
CA LEU B 160 14.45 2.82 23.49
C LEU B 160 12.99 2.59 23.20
N SER B 161 12.63 2.60 21.92
CA SER B 161 11.27 2.32 21.53
C SER B 161 11.33 1.06 20.71
N SER B 162 10.90 -0.03 21.35
CA SER B 162 10.82 -1.36 20.76
C SER B 162 9.83 -2.15 21.60
N LEU B 163 9.32 -3.23 21.04
CA LEU B 163 8.38 -4.07 21.77
C LEU B 163 9.00 -4.63 23.04
N ASP B 164 10.30 -4.89 22.98
CA ASP B 164 11.02 -5.46 24.12
C ASP B 164 11.91 -4.47 24.86
N SER B 165 11.52 -3.18 24.83
CA SER B 165 12.34 -2.12 25.41
C SER B 165 12.75 -2.30 26.88
N SER B 166 11.91 -2.92 27.69
CA SER B 166 12.25 -3.11 29.09
C SER B 166 13.59 -3.84 29.27
N VAL B 167 13.63 -5.07 28.78
CA VAL B 167 14.80 -5.92 28.98
C VAL B 167 15.95 -5.50 28.10
N LEU B 168 15.66 -5.18 26.83
CA LEU B 168 16.72 -4.78 25.95
C LEU B 168 17.35 -3.49 26.49
N GLY B 169 16.55 -2.63 27.10
CA GLY B 169 17.08 -1.41 27.67
C GLY B 169 18.12 -1.69 28.73
N THR B 170 17.88 -2.73 29.52
CA THR B 170 18.80 -3.12 30.58
C THR B 170 20.15 -3.53 30.00
N CYS B 171 20.13 -4.29 28.91
N CYS B 171 20.10 -4.27 28.89
CA CYS B 171 21.38 -4.66 28.24
CA CYS B 171 21.27 -4.71 28.15
C CYS B 171 22.13 -3.40 27.83
C CYS B 171 22.11 -3.51 27.69
N PHE B 172 21.45 -2.50 27.11
CA PHE B 172 22.12 -1.29 26.65
C PHE B 172 22.64 -0.45 27.81
N ARG B 173 21.92 -0.45 28.92
N ARG B 173 21.93 -0.43 28.94
CA ARG B 173 22.39 0.24 30.12
CA ARG B 173 22.42 0.29 30.13
C ARG B 173 23.73 -0.34 30.59
C ARG B 173 23.70 -0.33 30.71
N ILE B 174 23.82 -1.66 30.67
CA ILE B 174 25.06 -2.30 31.10
C ILE B 174 26.19 -1.97 30.14
N CYS B 175 25.89 -1.85 28.85
CA CYS B 175 26.87 -1.39 27.87
C CYS B 175 27.35 0.03 28.13
N GLY B 176 26.60 0.80 28.91
CA GLY B 176 27.00 2.14 29.27
C GLY B 176 26.15 3.28 28.70
N PHE B 177 25.13 2.93 27.93
CA PHE B 177 24.21 3.96 27.41
C PHE B 177 23.27 4.42 28.51
N ASP B 178 22.97 5.72 28.52
CA ASP B 178 21.96 6.26 29.42
C ASP B 178 20.60 6.10 28.76
N ILE B 179 19.98 4.95 28.99
CA ILE B 179 18.65 4.67 28.46
C ILE B 179 17.55 5.14 29.42
N LYS B 180 16.66 6.00 28.93
CA LYS B 180 15.48 6.44 29.69
C LYS B 180 14.28 5.58 29.32
N ASP B 181 13.57 5.09 30.32
CA ASP B 181 12.40 4.27 30.05
C ASP B 181 11.23 5.15 29.61
N ALA B 182 10.56 4.72 28.56
CA ALA B 182 9.39 5.42 28.03
C ALA B 182 8.49 4.42 27.32
N PRO B 183 7.81 3.57 28.09
CA PRO B 183 7.02 2.45 27.55
C PRO B 183 5.96 2.81 26.50
N ASN B 184 5.32 3.98 26.63
CA ASN B 184 4.28 4.39 25.70
C ASN B 184 4.84 5.02 24.43
N ALA B 185 6.16 5.27 24.46
CA ALA B 185 6.89 5.77 23.31
C ALA B 185 6.38 7.11 22.78
N ARG B 186 5.76 7.90 23.65
N ARG B 186 5.76 7.90 23.65
CA ARG B 186 5.24 9.20 23.26
CA ARG B 186 5.24 9.20 23.27
C ARG B 186 6.35 10.23 23.37
C ARG B 186 6.35 10.24 23.37
N LEU B 187 7.27 10.16 22.42
CA LEU B 187 8.51 10.90 22.51
C LEU B 187 8.45 12.37 22.12
N ALA B 188 7.43 12.83 21.42
CA ALA B 188 7.49 14.17 20.85
C ALA B 188 7.66 15.22 21.92
N PRO B 189 6.84 15.17 22.98
CA PRO B 189 7.02 16.24 23.97
C PRO B 189 8.33 16.10 24.73
N LEU B 190 8.81 14.88 24.90
CA LEU B 190 10.06 14.64 25.61
C LEU B 190 11.25 15.22 24.85
N LEU B 191 11.26 15.00 23.55
CA LEU B 191 12.30 15.55 22.69
C LEU B 191 12.24 17.07 22.68
N LYS B 192 11.04 17.63 22.54
CA LYS B 192 10.87 19.08 22.49
C LYS B 192 11.27 19.73 23.81
N ALA B 193 11.00 19.06 24.93
CA ALA B 193 11.30 19.61 26.26
C ALA B 193 12.75 19.39 26.69
N GLY B 194 13.43 18.45 26.05
CA GLY B 194 14.81 18.18 26.42
C GLY B 194 14.97 17.12 27.48
N SER B 195 13.87 16.43 27.79
N SER B 195 13.90 16.40 27.81
N SER B 195 13.87 16.43 27.79
CA SER B 195 13.90 15.33 28.74
CA SER B 195 14.02 15.32 28.79
CA SER B 195 13.93 15.32 28.74
C SER B 195 14.73 14.16 28.20
C SER B 195 14.69 14.07 28.21
C SER B 195 14.78 14.19 28.19
N ILE B 196 14.70 13.96 26.88
CA ILE B 196 15.56 13.00 26.21
C ILE B 196 16.25 13.70 25.04
N ASP B 197 17.36 13.13 24.60
CA ASP B 197 18.16 13.70 23.53
C ASP B 197 17.95 12.96 22.22
N GLY B 198 17.26 11.83 22.24
CA GLY B 198 17.18 11.01 21.06
C GLY B 198 16.57 9.68 21.41
N PHE B 199 16.56 8.78 20.43
CA PHE B 199 15.94 7.49 20.62
C PHE B 199 16.63 6.44 19.76
N LEU B 200 16.41 5.19 20.17
CA LEU B 200 16.97 4.00 19.55
C LEU B 200 15.77 3.22 19.05
N SER B 201 15.68 3.07 17.74
CA SER B 201 14.49 2.48 17.14
C SER B 201 14.78 1.97 15.75
N VAL B 202 13.81 1.24 15.21
CA VAL B 202 13.87 0.86 13.81
C VAL B 202 13.52 2.05 12.91
N HIS B 203 13.87 1.96 11.64
CA HIS B 203 13.70 3.06 10.71
C HIS B 203 12.25 3.52 10.52
N LEU B 204 11.34 2.56 10.37
CA LEU B 204 9.95 2.90 10.11
C LEU B 204 9.34 3.70 11.24
N PHE B 205 9.74 3.39 12.48
CA PHE B 205 9.28 4.11 13.66
C PHE B 205 9.60 5.61 13.57
N THR B 206 10.83 5.91 13.19
CA THR B 206 11.29 7.28 13.11
C THR B 206 10.43 8.10 12.15
N TRP B 207 10.05 7.49 11.04
CA TRP B 207 9.27 8.16 10.01
C TRP B 207 7.77 8.19 10.37
N ALA B 208 7.20 7.02 10.67
CA ALA B 208 5.76 6.91 10.85
C ALA B 208 5.23 7.74 12.02
N THR B 209 6.01 7.86 13.09
CA THR B 209 5.57 8.62 14.26
C THR B 209 5.66 10.12 14.09
N GLY B 210 6.44 10.57 13.11
CA GLY B 210 6.77 11.98 12.97
C GLY B 210 7.93 12.42 13.83
N PHE B 211 8.55 11.52 14.57
CA PHE B 211 9.61 11.89 15.50
C PHE B 211 10.89 12.35 14.78
N TYR B 212 11.01 11.99 13.51
CA TYR B 212 12.13 12.51 12.68
C TYR B 212 12.20 14.03 12.71
N ARG B 213 11.07 14.69 12.93
CA ARG B 213 11.02 16.14 12.94
C ARG B 213 11.78 16.74 14.12
N TYR B 214 12.03 15.93 15.13
CA TYR B 214 12.55 16.43 16.39
C TYR B 214 13.93 15.90 16.72
N ILE B 215 14.54 15.29 15.71
CA ILE B 215 15.95 14.93 15.78
C ILE B 215 16.64 15.48 14.53
N SER B 216 17.98 15.45 14.54
CA SER B 216 18.75 16.02 13.44
C SER B 216 19.78 15.05 12.84
N TYR B 217 20.04 13.94 13.51
CA TYR B 217 21.08 13.00 13.10
C TYR B 217 20.56 11.58 13.16
N ALA B 218 20.87 10.79 12.14
CA ALA B 218 20.50 9.38 12.11
C ALA B 218 21.74 8.58 11.79
N LEU B 219 22.05 7.60 12.63
CA LEU B 219 23.25 6.79 12.45
C LEU B 219 22.97 5.73 11.39
N ASP B 220 23.76 5.74 10.33
CA ASP B 220 23.51 4.79 9.23
C ASP B 220 23.89 3.37 9.59
N THR B 221 24.94 3.21 10.38
CA THR B 221 25.44 1.90 10.75
C THR B 221 24.48 1.30 11.75
N LYS B 222 23.91 0.15 11.41
CA LYS B 222 22.89 -0.46 12.25
C LYS B 222 23.52 -1.08 13.48
N ILE B 223 22.85 -0.91 14.62
CA ILE B 223 23.32 -1.46 15.88
C ILE B 223 23.06 -2.97 16.00
N CYS B 224 21.85 -3.40 15.68
CA CYS B 224 21.47 -4.81 15.75
C CYS B 224 20.11 -4.98 15.08
N PRO B 225 19.76 -6.23 14.73
CA PRO B 225 18.41 -6.55 14.25
C PRO B 225 17.47 -6.68 15.44
N ALA B 226 16.20 -6.89 15.13
CA ALA B 226 15.15 -7.10 16.12
C ALA B 226 14.41 -8.36 15.71
N VAL B 227 15.01 -9.48 16.05
N VAL B 227 14.98 -9.51 16.01
CA VAL B 227 14.58 -10.76 15.53
CA VAL B 227 14.43 -10.74 15.44
C VAL B 227 13.27 -11.20 16.13
C VAL B 227 13.05 -11.10 16.00
N ILE B 228 12.49 -11.87 15.29
N ILE B 228 12.32 -11.85 15.19
CA ILE B 228 11.15 -12.36 15.60
CA ILE B 228 10.98 -12.33 15.48
C ILE B 228 11.12 -13.87 15.36
C ILE B 228 10.95 -13.83 15.25
N GLY B 229 10.38 -14.58 16.19
CA GLY B 229 10.25 -16.02 16.04
C GLY B 229 8.81 -16.47 16.08
N MET B 230 8.45 -17.31 15.12
CA MET B 230 7.15 -17.98 15.11
C MET B 230 7.31 -19.38 15.64
N LEU B 231 6.60 -19.68 16.71
CA LEU B 231 6.67 -20.96 17.38
C LEU B 231 5.32 -21.65 17.35
N ILE B 232 5.33 -22.97 17.25
CA ILE B 232 4.12 -23.77 17.43
C ILE B 232 4.45 -24.84 18.45
N SER B 233 3.54 -25.08 19.37
CA SER B 233 3.79 -26.10 20.39
C SER B 233 3.95 -27.48 19.76
N ASP B 234 4.73 -28.33 20.43
CA ASP B 234 4.93 -29.68 19.92
C ASP B 234 3.60 -30.39 19.72
N GLY B 235 2.69 -30.25 20.68
CA GLY B 235 1.40 -30.92 20.61
C GLY B 235 0.58 -30.47 19.41
N SER B 236 0.61 -29.17 19.12
CA SER B 236 -0.15 -28.65 17.99
C SER B 236 0.49 -29.06 16.66
N TRP B 237 1.81 -29.02 16.60
CA TRP B 237 2.49 -29.44 15.38
C TRP B 237 2.21 -30.91 15.08
N ALA B 238 2.11 -31.72 16.14
CA ALA B 238 1.85 -33.15 15.99
C ALA B 238 0.43 -33.44 15.46
N ARG B 239 -0.46 -32.43 15.45
CA ARG B 239 -1.77 -32.61 14.83
C ARG B 239 -1.67 -32.74 13.32
N ILE B 240 -0.53 -32.28 12.76
CA ILE B 240 -0.29 -32.31 11.32
C ILE B 240 0.39 -33.61 10.92
N PRO B 241 -0.15 -34.33 9.92
CA PRO B 241 0.54 -35.54 9.47
C PRO B 241 2.00 -35.29 9.13
N SER B 242 2.89 -36.15 9.61
CA SER B 242 4.32 -35.94 9.46
C SER B 242 4.80 -35.83 8.04
N ARG B 243 4.09 -36.45 7.11
CA ARG B 243 4.53 -36.38 5.71
C ARG B 243 4.53 -34.96 5.17
N TYR B 244 3.80 -34.03 5.79
CA TYR B 244 3.75 -32.65 5.30
C TYR B 244 4.76 -31.72 5.98
N HIS B 245 5.35 -32.17 7.08
CA HIS B 245 6.16 -31.27 7.92
C HIS B 245 7.28 -30.57 7.16
N ASP B 246 8.06 -31.32 6.41
CA ASP B 246 9.24 -30.75 5.78
C ASP B 246 8.85 -29.68 4.75
N ALA B 247 7.87 -29.98 3.92
CA ALA B 247 7.40 -28.99 2.94
C ALA B 247 6.85 -27.74 3.64
N MET B 248 6.15 -27.92 4.75
CA MET B 248 5.60 -26.79 5.46
C MET B 248 6.70 -25.91 6.05
N LEU B 249 7.73 -26.53 6.60
CA LEU B 249 8.85 -25.77 7.15
C LEU B 249 9.66 -25.09 6.03
N GLN B 250 9.80 -25.77 4.90
CA GLN B 250 10.47 -25.15 3.75
C GLN B 250 9.72 -23.89 3.31
N ALA B 251 8.39 -23.96 3.31
CA ALA B 251 7.59 -22.78 2.96
C ALA B 251 7.84 -21.65 3.94
N ALA B 252 7.98 -21.97 5.23
CA ALA B 252 8.24 -20.95 6.23
C ALA B 252 9.62 -20.30 6.06
N THR B 253 10.57 -21.09 5.59
CA THR B 253 11.88 -20.55 5.30
C THR B 253 11.84 -19.55 4.14
N ARG B 254 11.04 -19.86 3.11
CA ARG B 254 10.88 -18.95 1.98
C ARG B 254 10.30 -17.62 2.43
N VAL B 255 9.42 -17.67 3.41
CA VAL B 255 8.83 -16.45 3.96
C VAL B 255 9.90 -15.56 4.51
N ARG B 256 10.80 -16.13 5.30
CA ARG B 256 11.85 -15.33 5.92
C ARG B 256 12.61 -14.56 4.85
N GLN B 257 12.88 -15.24 3.75
CA GLN B 257 13.75 -14.67 2.76
C GLN B 257 13.04 -13.55 1.95
N ARG B 258 11.77 -13.76 1.64
CA ARG B 258 10.99 -12.71 0.99
C ARG B 258 10.80 -11.49 1.90
N LEU B 259 10.55 -11.74 3.17
CA LEU B 259 10.39 -10.63 4.12
C LEU B 259 11.63 -9.81 4.22
N ALA B 260 12.80 -10.45 4.24
CA ALA B 260 14.03 -9.71 4.37
C ALA B 260 14.21 -8.77 3.18
N ASN B 261 13.88 -9.23 1.99
CA ASN B 261 13.96 -8.38 0.80
C ASN B 261 13.00 -7.21 0.91
N ASN B 262 11.77 -7.49 1.36
CA ASN B 262 10.77 -6.42 1.48
C ASN B 262 11.13 -5.41 2.57
N LEU B 263 11.66 -5.88 3.69
CA LEU B 263 12.03 -4.99 4.77
C LEU B 263 13.17 -4.08 4.30
N GLU B 264 14.14 -4.65 3.60
CA GLU B 264 15.28 -3.88 3.11
C GLU B 264 14.81 -2.78 2.17
N THR B 265 13.83 -3.10 1.32
CA THR B 265 13.21 -2.08 0.47
C THR B 265 12.54 -0.96 1.29
N LEU B 266 11.72 -1.37 2.25
N LEU B 266 11.72 -1.34 2.26
CA LEU B 266 11.01 -0.42 3.12
CA LEU B 266 11.01 -0.34 3.05
C LEU B 266 12.01 0.48 3.82
C LEU B 266 12.00 0.51 3.87
N ASP B 267 13.08 -0.11 4.36
CA ASP B 267 14.08 0.63 5.13
C ASP B 267 14.82 1.61 4.24
N ARG B 268 15.20 1.18 3.04
CA ARG B 268 15.92 2.07 2.16
C ARG B 268 15.05 3.26 1.81
N GLU B 269 13.77 3.04 1.56
CA GLU B 269 12.88 4.14 1.23
C GLU B 269 12.70 5.06 2.44
N CYS B 270 12.54 4.46 3.61
N CYS B 270 12.59 4.47 3.62
CA CYS B 270 12.40 5.21 4.87
CA CYS B 270 12.38 5.25 4.82
C CYS B 270 13.57 6.14 5.07
C CYS B 270 13.59 6.14 5.12
N SER B 271 14.78 5.60 4.93
CA SER B 271 15.99 6.38 5.09
C SER B 271 15.96 7.59 4.15
N ASN B 272 15.51 7.37 2.92
CA ASN B 272 15.38 8.46 1.95
C ASN B 272 14.43 9.57 2.41
N ASN B 273 13.26 9.19 2.92
CA ASN B 273 12.27 10.15 3.41
C ASN B 273 12.83 10.97 4.57
N ILE B 274 13.51 10.30 5.48
CA ILE B 274 14.13 10.94 6.62
C ILE B 274 15.18 11.98 6.17
N GLN B 275 16.02 11.59 5.22
CA GLN B 275 17.06 12.46 4.68
C GLN B 275 16.44 13.63 3.94
N LYS B 276 15.39 13.37 3.15
CA LYS B 276 14.77 14.43 2.37
C LYS B 276 14.17 15.47 3.31
N ALA B 277 13.78 15.02 4.50
CA ALA B 277 13.19 15.91 5.50
C ALA B 277 14.24 16.75 6.24
N GLY B 278 15.52 16.55 5.92
CA GLY B 278 16.58 17.36 6.47
C GLY B 278 17.43 16.70 7.54
N VAL B 279 17.15 15.44 7.87
CA VAL B 279 17.95 14.72 8.83
C VAL B 279 19.29 14.36 8.21
N SER B 280 20.35 14.58 8.96
CA SER B 280 21.72 14.27 8.52
C SER B 280 22.06 12.83 8.82
N ILE B 281 22.58 12.13 7.83
CA ILE B 281 23.00 10.76 8.01
C ILE B 281 24.43 10.70 8.54
N VAL B 282 24.60 10.02 9.68
CA VAL B 282 25.92 9.87 10.29
C VAL B 282 26.57 8.63 9.69
N HIS B 283 27.72 8.82 9.04
CA HIS B 283 28.43 7.71 8.43
C HIS B 283 29.75 7.46 9.15
N LEU B 284 29.89 6.27 9.74
CA LEU B 284 31.14 5.87 10.37
C LEU B 284 32.05 5.18 9.36
N THR B 285 33.31 5.54 9.38
CA THR B 285 34.31 4.89 8.54
C THR B 285 34.65 3.52 9.11
N PRO B 286 35.35 2.69 8.32
CA PRO B 286 35.70 1.38 8.87
C PRO B 286 36.55 1.51 10.14
N GLN B 287 37.45 2.48 10.18
CA GLN B 287 38.29 2.70 11.36
C GLN B 287 37.43 3.06 12.58
N GLU B 288 36.42 3.88 12.36
CA GLU B 288 35.53 4.29 13.43
C GLU B 288 34.65 3.13 13.86
N ILE B 289 34.16 2.35 12.91
CA ILE B 289 33.42 1.17 13.28
C ILE B 289 34.25 0.22 14.15
N GLN B 290 35.51 0.01 13.79
CA GLN B 290 36.39 -0.86 14.57
C GLN B 290 36.55 -0.29 15.99
N GLU B 291 36.66 1.02 16.10
CA GLU B 291 36.78 1.65 17.41
C GLU B 291 35.55 1.39 18.25
N TRP B 292 34.37 1.51 17.65
CA TRP B 292 33.14 1.18 18.35
C TRP B 292 33.08 -0.31 18.72
N ARG B 293 33.49 -1.15 17.76
N ARG B 293 33.45 -1.18 17.76
CA ARG B 293 33.45 -2.60 17.90
CA ARG B 293 33.43 -2.62 18.00
C ARG B 293 34.34 -3.09 19.07
C ARG B 293 34.29 -3.00 19.19
N THR B 294 35.50 -2.47 19.23
CA THR B 294 36.40 -2.84 20.31
C THR B 294 35.80 -2.45 21.66
N GLU B 295 35.17 -1.28 21.72
CA GLU B 295 34.47 -0.87 22.94
C GLU B 295 33.28 -1.80 23.24
N PHE B 296 32.49 -2.14 22.23
CA PHE B 296 31.38 -3.06 22.45
C PHE B 296 31.85 -4.45 22.95
N ALA B 297 33.05 -4.88 22.57
CA ALA B 297 33.57 -6.16 23.04
C ALA B 297 33.80 -6.11 24.55
N ALA B 298 34.25 -4.96 25.05
CA ALA B 298 34.44 -4.78 26.48
C ALA B 298 33.08 -4.78 27.15
N ASP B 299 32.12 -4.14 26.50
CA ASP B 299 30.76 -4.07 27.03
C ASP B 299 30.15 -5.46 27.16
N VAL B 300 30.40 -6.32 26.18
CA VAL B 300 29.90 -7.69 26.21
C VAL B 300 30.40 -8.42 27.46
N LYS B 301 31.66 -8.21 27.82
CA LYS B 301 32.22 -8.83 29.01
C LYS B 301 31.48 -8.35 30.26
N ARG B 302 31.07 -7.08 30.25
CA ARG B 302 30.36 -6.52 31.38
C ARG B 302 28.96 -7.12 31.46
N ILE B 303 28.31 -7.30 30.31
CA ILE B 303 27.02 -7.98 30.31
C ILE B 303 27.15 -9.40 30.87
N GLN B 304 28.14 -10.14 30.40
CA GLN B 304 28.41 -11.51 30.90
C GLN B 304 28.53 -11.54 32.42
N ALA B 305 29.20 -10.54 32.99
CA ALA B 305 29.46 -10.51 34.42
C ALA B 305 28.23 -10.10 35.22
N ARG B 306 27.51 -9.10 34.71
CA ARG B 306 26.35 -8.58 35.42
C ARG B 306 25.11 -9.48 35.26
N LEU B 307 24.83 -9.91 34.03
CA LEU B 307 23.64 -10.73 33.73
C LEU B 307 24.00 -12.03 32.98
N PRO B 308 24.50 -13.03 33.70
CA PRO B 308 25.10 -14.25 33.13
C PRO B 308 24.27 -14.99 32.07
N GLY B 309 22.95 -15.08 32.24
CA GLY B 309 22.13 -15.84 31.31
C GLY B 309 21.66 -15.10 30.07
N MET B 310 21.99 -13.81 29.99
N MET B 310 21.93 -13.81 29.99
CA MET B 310 21.48 -12.94 28.95
CA MET B 310 21.41 -13.00 28.89
C MET B 310 22.08 -13.28 27.58
C MET B 310 22.06 -13.39 27.57
N LEU B 311 23.37 -13.55 27.59
CA LEU B 311 24.11 -13.91 26.38
C LEU B 311 24.50 -15.36 26.42
N ASN B 312 24.44 -15.99 25.26
CA ASN B 312 24.99 -17.32 25.04
C ASN B 312 26.38 -17.12 24.42
N MET B 313 27.42 -17.33 25.22
CA MET B 313 28.77 -17.01 24.77
C MET B 313 29.29 -17.97 23.72
N THR B 314 28.82 -19.22 23.76
CA THR B 314 29.15 -20.16 22.71
C THR B 314 28.55 -19.69 21.38
N LEU B 315 27.32 -19.19 21.42
CA LEU B 315 26.63 -18.69 20.22
C LEU B 315 27.33 -17.42 19.74
N TYR B 316 27.67 -16.56 20.69
CA TYR B 316 28.38 -15.34 20.42
C TYR B 316 29.66 -15.61 19.62
N GLU B 317 30.47 -16.54 20.10
CA GLU B 317 31.69 -16.91 19.39
C GLU B 317 31.45 -17.54 18.00
N LYS B 318 30.41 -18.35 17.88
CA LYS B 318 30.07 -18.95 16.58
C LYS B 318 29.70 -17.87 15.56
N ILE B 319 28.94 -16.89 16.01
CA ILE B 319 28.53 -15.79 15.13
C ILE B 319 29.74 -14.96 14.72
N LYS B 320 30.59 -14.62 15.68
CA LYS B 320 31.80 -13.88 15.36
C LYS B 320 32.64 -14.62 14.32
N HIS B 321 32.78 -15.93 14.50
CA HIS B 321 33.58 -16.76 13.58
C HIS B 321 32.90 -16.83 12.22
N LEU B 322 31.60 -17.05 12.23
CA LEU B 322 30.83 -17.17 11.00
C LEU B 322 30.93 -15.92 10.13
N LEU B 323 30.80 -14.76 10.75
CA LEU B 323 30.69 -13.50 10.03
C LEU B 323 32.02 -12.78 9.80
N TYR B 324 33.01 -13.06 10.65
CA TYR B 324 34.25 -12.30 10.61
C TYR B 324 35.47 -13.22 10.60
#